data_2YJY
#
_entry.id   2YJY
#
_cell.length_a   35.796
_cell.length_b   59.340
_cell.length_c   344.724
_cell.angle_alpha   90.00
_cell.angle_beta   90.00
_cell.angle_gamma   90.00
#
_symmetry.space_group_name_H-M   'P 21 21 21'
#
loop_
_entity.id
_entity.type
_entity.pdbx_description
1 polymer 'PUMILIO HOMOLOG 1'
2 polymer "5'-R(*AP*UP*UP*GP*CP*AP*UP*AP*UP*AP)-3'"
3 water water
#
loop_
_entity_poly.entity_id
_entity_poly.type
_entity_poly.pdbx_seq_one_letter_code
_entity_poly.pdbx_strand_id
1 'polypeptide(L)'
;MGRSRLLEDFRNNRYPNLQLREIAGHIMEFSQDQHGSRFIQLKLERATPAERQLVFNEILQAAYQLMVDVFGNYVIQKFF
EFGSLEQKLALAERIRGHVLSLALQMYGCRVIQKALEFIPSDQQNEMVRELDGHVLKCVKDQNGNHVVQKCIECVQPQSL
QFIIDAFKGQVFALSTHPYGCRVIQRILEHCLPDQTLPILEELHQHTEQLVQDQYGSYVIRHVLEHGRPEDKSKIVAEIR
GNVLVLSQHKFASNVVEKCVTHASRTERAVLIDEVCTMNDGPHSALYTMMKDQYANYVVQKMIDVAEPGQRKIVMHKIRP
HIATLRKYTYGKHILAKLEKYYMKNGVDLG
;
A,B
2 'polyribonucleotide' AUUGCAUAUA C,D
#
loop_
_chem_comp.id
_chem_comp.type
_chem_comp.name
_chem_comp.formula
A RNA linking ADENOSINE-5'-MONOPHOSPHATE 'C10 H14 N5 O7 P'
C RNA linking CYTIDINE-5'-MONOPHOSPHATE 'C9 H14 N3 O8 P'
G RNA linking GUANOSINE-5'-MONOPHOSPHATE 'C10 H14 N5 O8 P'
U RNA linking URIDINE-5'-MONOPHOSPHATE 'C9 H13 N2 O9 P'
#
# COMPACT_ATOMS: atom_id res chain seq x y z
N GLY A 2 -8.66 7.59 18.99
CA GLY A 2 -8.06 8.14 17.78
C GLY A 2 -6.72 8.78 18.04
N ARG A 3 -6.60 10.06 17.71
CA ARG A 3 -5.37 10.80 17.95
C ARG A 3 -5.51 11.73 19.13
N SER A 4 -4.46 11.82 19.94
CA SER A 4 -4.39 12.79 21.03
C SER A 4 -4.04 14.16 20.48
N ARG A 5 -4.37 15.20 21.23
CA ARG A 5 -4.05 16.56 20.82
C ARG A 5 -2.55 16.79 20.78
N LEU A 6 -1.81 15.98 21.53
CA LEU A 6 -0.36 16.11 21.52
C LEU A 6 0.20 15.74 20.15
N LEU A 7 -0.31 14.64 19.58
CA LEU A 7 0.17 14.21 18.28
C LEU A 7 -0.29 15.17 17.19
N GLU A 8 -1.59 15.47 17.17
CA GLU A 8 -2.17 16.37 16.17
C GLU A 8 -1.50 17.75 16.16
N ASP A 9 -0.69 18.05 17.17
CA ASP A 9 0.00 19.33 17.24
C ASP A 9 1.43 19.19 16.76
N PHE A 10 2.05 18.06 17.10
CA PHE A 10 3.36 17.71 16.54
C PHE A 10 3.26 17.62 15.02
N ARG A 11 2.17 17.03 14.53
CA ARG A 11 1.85 17.04 13.11
C ARG A 11 1.69 18.47 12.64
N ASN A 12 0.93 19.25 13.39
CA ASN A 12 0.70 20.66 13.06
C ASN A 12 1.92 21.54 13.22
N ASN A 13 3.00 20.99 13.72
CA ASN A 13 4.25 21.68 13.85
C ASN A 13 4.50 22.69 14.96
N ARG A 14 3.83 22.48 16.09
CA ARG A 14 4.01 23.32 17.26
C ARG A 14 4.89 22.69 18.35
N TYR A 15 5.88 21.89 17.96
CA TYR A 15 6.82 21.34 18.94
C TYR A 15 8.20 21.14 18.37
N PRO A 16 8.97 22.23 18.33
CA PRO A 16 10.30 22.23 17.71
C PRO A 16 11.33 21.52 18.58
N ASN A 17 11.25 21.68 19.89
CA ASN A 17 12.24 21.06 20.78
C ASN A 17 11.73 19.74 21.32
N LEU A 18 10.69 19.21 20.70
CA LEU A 18 10.06 17.98 21.19
C LEU A 18 11.09 16.92 21.53
N GLN A 19 10.90 16.26 22.66
CA GLN A 19 11.88 15.30 23.16
C GLN A 19 11.24 13.95 23.48
N LEU A 20 12.04 12.90 23.44
CA LEU A 20 11.51 11.58 23.75
C LEU A 20 10.80 11.58 25.10
N ARG A 21 11.40 12.22 26.10
CA ARG A 21 10.79 12.31 27.42
C ARG A 21 9.45 13.06 27.39
N GLU A 22 9.32 14.00 26.46
CA GLU A 22 8.13 14.80 26.34
C GLU A 22 6.97 13.97 25.80
N ILE A 23 7.25 12.75 25.37
CA ILE A 23 6.24 11.93 24.68
C ILE A 23 5.78 10.67 25.41
N ALA A 24 6.12 10.54 26.69
CA ALA A 24 5.67 9.42 27.50
C ALA A 24 4.15 9.22 27.41
N GLY A 25 3.72 7.97 27.28
CA GLY A 25 2.30 7.65 27.22
C GLY A 25 1.66 7.87 25.86
N HIS A 26 2.49 8.14 24.85
CA HIS A 26 2.01 8.39 23.50
C HIS A 26 2.82 7.62 22.46
N ILE A 27 3.89 6.98 22.90
CA ILE A 27 4.76 6.27 21.98
C ILE A 27 3.98 5.44 20.95
N MET A 28 2.98 4.68 21.43
CA MET A 28 2.17 3.84 20.52
C MET A 28 1.49 4.69 19.47
N GLU A 29 0.95 5.83 19.90
CA GLU A 29 0.29 6.72 18.98
C GLU A 29 1.25 7.21 17.93
N PHE A 30 2.48 7.51 18.35
CA PHE A 30 3.46 8.13 17.46
C PHE A 30 3.98 7.12 16.47
N SER A 31 4.23 5.91 16.97
CA SER A 31 4.84 4.83 16.20
C SER A 31 3.92 4.30 15.12
N GLN A 32 2.63 4.60 15.22
CA GLN A 32 1.70 4.22 14.17
C GLN A 32 1.31 5.44 13.32
N ASP A 33 2.09 6.50 13.47
CA ASP A 33 1.95 7.70 12.65
C ASP A 33 3.17 7.74 11.75
N GLN A 34 3.13 8.52 10.67
CA GLN A 34 4.28 8.55 9.79
C GLN A 34 5.37 9.47 10.32
N HIS A 35 4.96 10.65 10.77
CA HIS A 35 5.88 11.60 11.36
C HIS A 35 6.27 11.20 12.79
N GLY A 36 5.28 10.80 13.59
CA GLY A 36 5.59 10.30 14.92
C GLY A 36 6.68 9.26 14.84
N SER A 37 6.45 8.24 14.00
CA SER A 37 7.37 7.14 13.76
C SER A 37 8.75 7.64 13.38
N ARG A 38 8.80 8.42 12.32
CA ARG A 38 10.06 8.96 11.86
C ARG A 38 10.74 9.74 12.97
N PHE A 39 9.95 10.47 13.76
CA PHE A 39 10.50 11.17 14.91
C PHE A 39 11.22 10.22 15.86
N ILE A 40 10.52 9.17 16.26
CA ILE A 40 11.04 8.21 17.20
C ILE A 40 12.28 7.53 16.65
N GLN A 41 12.22 7.10 15.39
CA GLN A 41 13.36 6.48 14.74
C GLN A 41 14.56 7.40 14.84
N LEU A 42 14.31 8.67 14.60
CA LEU A 42 15.37 9.64 14.53
C LEU A 42 16.04 9.80 15.92
N LYS A 43 15.23 10.04 16.94
CA LYS A 43 15.73 10.25 18.30
C LYS A 43 16.41 9.03 18.91
N LEU A 44 15.85 7.85 18.69
CA LEU A 44 16.38 6.64 19.33
C LEU A 44 17.89 6.49 19.14
N GLU A 45 18.38 6.87 17.97
CA GLU A 45 19.78 6.66 17.60
C GLU A 45 20.73 7.30 18.60
N ARG A 46 20.57 8.59 18.84
CA ARG A 46 21.45 9.32 19.73
C ARG A 46 20.98 9.33 21.19
N ALA A 47 19.88 8.63 21.47
CA ALA A 47 19.27 8.65 22.80
C ALA A 47 20.13 7.96 23.86
N THR A 48 19.83 8.27 25.12
CA THR A 48 20.46 7.62 26.27
C THR A 48 19.78 6.28 26.54
N PRO A 49 20.47 5.38 27.25
CA PRO A 49 19.80 4.10 27.56
C PRO A 49 18.43 4.38 28.17
N ALA A 50 18.41 4.96 29.37
CA ALA A 50 17.16 5.39 30.00
C ALA A 50 16.02 5.76 29.03
N GLU A 51 16.29 6.73 28.15
CA GLU A 51 15.30 7.18 27.18
C GLU A 51 14.85 6.00 26.33
N ARG A 52 15.80 5.24 25.81
CA ARG A 52 15.46 4.11 24.97
C ARG A 52 14.61 3.14 25.78
N GLN A 53 15.10 2.78 26.96
CA GLN A 53 14.34 1.97 27.90
C GLN A 53 12.93 2.50 28.07
N LEU A 54 12.79 3.81 28.22
CA LEU A 54 11.47 4.39 28.37
C LEU A 54 10.62 3.99 27.17
N VAL A 55 11.06 4.40 25.97
CA VAL A 55 10.42 4.02 24.73
C VAL A 55 10.11 2.52 24.70
N PHE A 56 11.06 1.72 25.12
CA PHE A 56 10.92 0.28 25.09
C PHE A 56 9.81 -0.21 26.02
N ASN A 57 9.65 0.45 27.16
CA ASN A 57 8.59 0.09 28.10
C ASN A 57 7.25 0.08 27.43
N GLU A 58 7.00 1.11 26.61
CA GLU A 58 5.67 1.32 26.06
C GLU A 58 5.44 0.57 24.75
N ILE A 59 6.38 -0.30 24.42
CA ILE A 59 6.46 -0.88 23.08
C ILE A 59 6.32 -2.38 23.15
N LEU A 60 6.95 -2.94 24.17
CA LEU A 60 6.91 -4.36 24.44
C LEU A 60 5.49 -4.88 24.38
N GLN A 61 4.62 -4.33 25.22
CA GLN A 61 3.33 -4.95 25.46
C GLN A 61 2.52 -5.09 24.17
N ALA A 62 2.74 -4.16 23.25
CA ALA A 62 2.02 -4.20 21.98
C ALA A 62 3.00 -4.28 20.83
N ALA A 63 4.08 -5.03 21.03
CA ALA A 63 5.07 -5.18 19.98
C ALA A 63 4.44 -5.71 18.69
N TYR A 64 3.56 -6.70 18.82
CA TYR A 64 2.98 -7.34 17.66
C TYR A 64 2.15 -6.35 16.86
N GLN A 65 1.29 -5.62 17.57
CA GLN A 65 0.49 -4.58 16.97
C GLN A 65 1.34 -3.67 16.08
N LEU A 66 2.54 -3.34 16.56
CA LEU A 66 3.42 -2.42 15.87
C LEU A 66 4.19 -3.14 14.79
N MET A 67 4.56 -4.39 15.09
CA MET A 67 5.33 -5.21 14.15
C MET A 67 4.67 -5.33 12.77
N VAL A 68 3.34 -5.24 12.74
CA VAL A 68 2.59 -5.40 11.49
C VAL A 68 1.97 -4.07 11.09
N ASP A 69 2.35 -3.01 11.80
CA ASP A 69 1.91 -1.69 11.39
C ASP A 69 2.81 -1.15 10.28
N VAL A 70 2.20 -0.45 9.33
CA VAL A 70 2.92 0.09 8.18
C VAL A 70 3.96 1.12 8.60
N PHE A 71 3.76 1.73 9.76
CA PHE A 71 4.74 2.66 10.29
C PHE A 71 5.41 2.14 11.56
N GLY A 72 4.66 1.42 12.37
CA GLY A 72 5.16 0.94 13.64
C GLY A 72 6.37 0.07 13.48
N ASN A 73 6.46 -0.63 12.35
CA ASN A 73 7.44 -1.67 12.17
C ASN A 73 8.86 -1.14 12.15
N TYR A 74 8.99 0.12 11.79
CA TYR A 74 10.29 0.75 11.73
C TYR A 74 10.86 0.94 13.12
N VAL A 75 9.99 1.33 14.05
CA VAL A 75 10.39 1.54 15.45
C VAL A 75 10.95 0.25 16.01
N ILE A 76 10.25 -0.84 15.74
CA ILE A 76 10.74 -2.15 16.15
C ILE A 76 12.10 -2.44 15.53
N GLN A 77 12.21 -2.33 14.20
CA GLN A 77 13.48 -2.64 13.56
C GLN A 77 14.60 -1.80 14.16
N LYS A 78 14.27 -0.58 14.55
CA LYS A 78 15.28 0.30 15.12
C LYS A 78 15.85 -0.26 16.42
N PHE A 79 15.01 -0.89 17.23
CA PHE A 79 15.49 -1.52 18.46
C PHE A 79 16.39 -2.71 18.22
N PHE A 80 16.19 -3.41 17.10
CA PHE A 80 17.12 -4.47 16.73
C PHE A 80 18.48 -3.91 16.34
N GLU A 81 18.49 -2.74 15.71
CA GLU A 81 19.71 -2.18 15.19
C GLU A 81 20.45 -1.41 16.28
N PHE A 82 19.68 -0.78 17.16
CA PHE A 82 20.30 0.15 18.11
C PHE A 82 20.02 -0.18 19.57
N GLY A 83 19.04 -1.04 19.82
CA GLY A 83 18.67 -1.42 21.17
C GLY A 83 19.78 -2.19 21.85
N SER A 84 19.57 -2.53 23.12
CA SER A 84 20.51 -3.38 23.84
C SER A 84 20.16 -4.87 23.72
N LEU A 85 21.11 -5.73 24.08
CA LEU A 85 20.90 -7.17 23.99
C LEU A 85 19.59 -7.63 24.62
N GLU A 86 19.30 -7.13 25.82
CA GLU A 86 18.07 -7.50 26.52
C GLU A 86 16.83 -7.17 25.70
N GLN A 87 16.74 -5.93 25.23
CA GLN A 87 15.63 -5.53 24.39
C GLN A 87 15.57 -6.37 23.13
N LYS A 88 16.74 -6.81 22.67
CA LYS A 88 16.77 -7.66 21.50
C LYS A 88 16.14 -9.00 21.86
N LEU A 89 16.60 -9.58 22.96
CA LEU A 89 16.08 -10.88 23.42
C LEU A 89 14.62 -10.77 23.85
N ALA A 90 14.25 -9.64 24.43
CA ALA A 90 12.88 -9.42 24.87
C ALA A 90 11.90 -9.40 23.70
N LEU A 91 12.19 -8.58 22.69
CA LEU A 91 11.40 -8.59 21.48
C LEU A 91 11.41 -9.98 20.88
N ALA A 92 12.56 -10.64 20.92
CA ALA A 92 12.67 -12.01 20.44
C ALA A 92 11.62 -12.90 21.11
N GLU A 93 11.42 -12.71 22.40
CA GLU A 93 10.42 -13.47 23.12
C GLU A 93 9.05 -13.20 22.55
N ARG A 94 8.76 -11.93 22.26
CA ARG A 94 7.46 -11.53 21.71
C ARG A 94 7.20 -12.20 20.36
N ILE A 95 8.20 -12.13 19.49
CA ILE A 95 8.15 -12.78 18.18
C ILE A 95 8.00 -14.29 18.29
N ARG A 96 8.93 -14.92 19.01
CA ARG A 96 8.94 -16.38 19.14
C ARG A 96 7.54 -16.90 19.42
N GLY A 97 7.04 -17.73 18.51
CA GLY A 97 5.67 -18.21 18.59
C GLY A 97 4.90 -17.81 17.35
N HIS A 98 5.24 -16.66 16.77
CA HIS A 98 4.50 -16.16 15.62
C HIS A 98 5.38 -15.87 14.40
N VAL A 99 6.55 -16.48 14.37
CA VAL A 99 7.47 -16.27 13.25
C VAL A 99 6.73 -16.35 11.91
N LEU A 100 6.18 -17.52 11.61
CA LEU A 100 5.45 -17.72 10.35
C LEU A 100 4.44 -16.60 10.02
N SER A 101 3.59 -16.27 10.98
CA SER A 101 2.56 -15.25 10.76
C SER A 101 3.18 -13.94 10.28
N LEU A 102 4.26 -13.55 10.92
CA LEU A 102 4.98 -12.31 10.59
C LEU A 102 5.68 -12.43 9.25
N ALA A 103 6.27 -13.58 8.97
CA ALA A 103 6.95 -13.80 7.71
C ALA A 103 6.04 -13.53 6.51
N LEU A 104 4.79 -13.96 6.60
CA LEU A 104 3.87 -13.75 5.49
C LEU A 104 3.22 -12.38 5.52
N GLN A 105 3.60 -11.56 6.51
CA GLN A 105 2.99 -10.24 6.61
C GLN A 105 3.94 -9.14 6.10
N MET A 106 3.43 -8.35 5.16
CA MET A 106 4.21 -7.30 4.49
C MET A 106 5.13 -6.48 5.42
N TYR A 107 4.58 -5.98 6.52
CA TYR A 107 5.35 -5.23 7.49
C TYR A 107 6.06 -6.18 8.45
N GLY A 108 5.31 -7.14 8.98
CA GLY A 108 5.85 -8.17 9.84
C GLY A 108 7.15 -8.75 9.34
N CYS A 109 7.20 -9.05 8.04
CA CYS A 109 8.33 -9.75 7.47
C CYS A 109 9.65 -8.97 7.48
N ARG A 110 9.54 -7.64 7.45
CA ARG A 110 10.71 -6.79 7.49
C ARG A 110 11.31 -6.84 8.89
N VAL A 111 10.46 -6.89 9.91
CA VAL A 111 10.90 -7.08 11.27
C VAL A 111 11.61 -8.43 11.48
N ILE A 112 11.12 -9.46 10.79
CA ILE A 112 11.73 -10.77 10.87
C ILE A 112 13.12 -10.72 10.27
N GLN A 113 13.22 -10.12 9.09
CA GLN A 113 14.50 -10.00 8.42
C GLN A 113 15.47 -9.25 9.30
N LYS A 114 14.98 -8.20 9.96
CA LYS A 114 15.84 -7.40 10.81
C LYS A 114 16.27 -8.17 12.07
N ALA A 115 15.31 -8.72 12.80
CA ALA A 115 15.63 -9.55 13.96
C ALA A 115 16.75 -10.53 13.62
N LEU A 116 16.64 -11.17 12.45
CA LEU A 116 17.61 -12.18 12.05
C LEU A 116 19.03 -11.65 12.01
N GLU A 117 19.16 -10.37 11.71
CA GLU A 117 20.47 -9.77 11.47
C GLU A 117 21.20 -9.54 12.77
N PHE A 118 20.47 -9.49 13.88
CA PHE A 118 21.01 -8.92 15.11
C PHE A 118 20.85 -9.75 16.38
N ILE A 119 20.02 -10.78 16.34
CA ILE A 119 19.91 -11.65 17.49
C ILE A 119 21.00 -12.69 17.41
N PRO A 120 21.48 -13.18 18.57
CA PRO A 120 22.59 -14.14 18.57
C PRO A 120 22.19 -15.47 17.92
N SER A 121 23.18 -16.24 17.45
CA SER A 121 22.91 -17.49 16.73
C SER A 121 21.88 -18.36 17.40
N ASP A 122 21.87 -18.33 18.73
CA ASP A 122 20.94 -19.12 19.51
C ASP A 122 19.50 -18.78 19.19
N GLN A 123 19.16 -17.49 19.23
CA GLN A 123 17.78 -17.07 19.01
C GLN A 123 17.47 -17.03 17.52
N GLN A 124 18.50 -17.09 16.69
CA GLN A 124 18.30 -17.26 15.27
C GLN A 124 17.70 -18.63 15.07
N ASN A 125 18.48 -19.63 15.46
CA ASN A 125 18.09 -21.03 15.31
C ASN A 125 16.67 -21.30 15.78
N GLU A 126 16.31 -20.79 16.94
CA GLU A 126 14.95 -20.96 17.42
C GLU A 126 13.98 -20.38 16.39
N MET A 127 14.29 -19.18 15.90
CA MET A 127 13.44 -18.48 14.94
C MET A 127 13.25 -19.24 13.63
N VAL A 128 14.35 -19.62 13.00
CA VAL A 128 14.27 -20.37 11.76
C VAL A 128 13.48 -21.65 11.98
N ARG A 129 13.98 -22.49 12.89
CA ARG A 129 13.36 -23.79 13.13
C ARG A 129 11.85 -23.68 13.25
N GLU A 130 11.37 -22.49 13.62
CA GLU A 130 9.93 -22.25 13.81
C GLU A 130 9.22 -22.23 12.47
N LEU A 131 9.99 -22.43 11.40
CA LEU A 131 9.44 -22.35 10.05
C LEU A 131 9.36 -23.74 9.41
N ASP A 132 9.90 -24.73 10.11
CA ASP A 132 9.81 -26.11 9.65
C ASP A 132 8.38 -26.47 9.37
N GLY A 133 8.15 -27.19 8.27
CA GLY A 133 6.82 -27.63 7.92
C GLY A 133 6.03 -26.57 7.17
N HIS A 134 6.67 -25.45 6.89
CA HIS A 134 6.01 -24.40 6.14
C HIS A 134 6.98 -23.73 5.19
N VAL A 135 7.97 -24.47 4.71
CA VAL A 135 8.95 -23.92 3.78
C VAL A 135 8.37 -23.51 2.42
N LEU A 136 7.94 -24.49 1.63
CA LEU A 136 7.43 -24.19 0.29
C LEU A 136 6.38 -23.09 0.28
N LYS A 137 5.68 -22.92 1.39
CA LYS A 137 4.70 -21.86 1.50
C LYS A 137 5.40 -20.49 1.59
N CYS A 138 6.44 -20.40 2.43
CA CYS A 138 7.19 -19.15 2.59
C CYS A 138 7.97 -18.79 1.33
N VAL A 139 8.69 -19.76 0.80
CA VAL A 139 9.45 -19.59 -0.42
C VAL A 139 8.57 -19.01 -1.53
N LYS A 140 7.34 -19.48 -1.62
CA LYS A 140 6.47 -19.10 -2.71
C LYS A 140 5.75 -17.83 -2.36
N ASP A 141 6.17 -17.19 -1.28
CA ASP A 141 5.47 -15.99 -0.84
C ASP A 141 6.19 -14.69 -1.19
N GLN A 142 5.39 -13.67 -1.51
CA GLN A 142 5.85 -12.32 -1.81
C GLN A 142 6.71 -11.77 -0.68
N ASN A 143 6.21 -11.94 0.54
CA ASN A 143 6.88 -11.46 1.74
C ASN A 143 7.79 -12.53 2.34
N GLY A 144 7.32 -13.77 2.34
CA GLY A 144 8.00 -14.85 3.05
C GLY A 144 9.33 -15.19 2.42
N ASN A 145 9.40 -15.08 1.10
CA ASN A 145 10.60 -15.49 0.38
C ASN A 145 11.83 -14.67 0.78
N HIS A 146 11.62 -13.40 1.11
CA HIS A 146 12.74 -12.55 1.48
C HIS A 146 13.26 -12.99 2.83
N VAL A 147 12.31 -13.36 3.71
CA VAL A 147 12.61 -13.96 5.00
C VAL A 147 13.55 -15.16 4.83
N VAL A 148 13.04 -16.22 4.21
CA VAL A 148 13.86 -17.39 3.91
C VAL A 148 15.22 -17.01 3.33
N GLN A 149 15.24 -16.00 2.48
CA GLN A 149 16.50 -15.56 1.90
C GLN A 149 17.42 -15.05 2.99
N LYS A 150 16.86 -14.21 3.85
CA LYS A 150 17.64 -13.66 4.94
C LYS A 150 18.14 -14.80 5.82
N CYS A 151 17.30 -15.81 6.03
CA CYS A 151 17.67 -17.00 6.81
C CYS A 151 18.95 -17.65 6.31
N ILE A 152 18.99 -17.90 5.01
CA ILE A 152 20.12 -18.58 4.38
C ILE A 152 21.37 -17.72 4.41
N GLU A 153 21.18 -16.41 4.47
CA GLU A 153 22.30 -15.46 4.59
C GLU A 153 22.81 -15.24 6.03
N CYS A 154 21.92 -15.36 7.00
CA CYS A 154 22.27 -14.97 8.37
C CYS A 154 22.41 -16.12 9.34
N VAL A 155 21.81 -17.26 9.00
CA VAL A 155 21.77 -18.37 9.93
C VAL A 155 22.79 -19.42 9.56
N GLN A 156 23.36 -20.07 10.56
CA GLN A 156 24.32 -21.11 10.34
C GLN A 156 23.68 -22.13 9.43
N PRO A 157 24.41 -22.56 8.41
CA PRO A 157 23.90 -23.55 7.45
C PRO A 157 23.34 -24.78 8.15
N GLN A 158 24.15 -25.42 8.99
CA GLN A 158 23.74 -26.62 9.69
C GLN A 158 22.31 -26.49 10.20
N SER A 159 21.95 -25.29 10.65
CA SER A 159 20.59 -25.07 11.15
C SER A 159 19.53 -25.09 10.05
N LEU A 160 19.95 -25.36 8.82
CA LEU A 160 19.07 -25.22 7.67
C LEU A 160 19.14 -26.43 6.75
N GLN A 161 19.02 -27.63 7.32
CA GLN A 161 18.99 -28.82 6.51
C GLN A 161 17.56 -29.08 6.07
N PHE A 162 16.61 -28.80 6.96
CA PHE A 162 15.20 -29.05 6.70
C PHE A 162 14.71 -28.24 5.50
N ILE A 163 15.34 -27.09 5.27
CA ILE A 163 15.06 -26.26 4.12
C ILE A 163 15.49 -27.03 2.88
N ILE A 164 16.75 -27.43 2.87
CA ILE A 164 17.25 -28.36 1.87
C ILE A 164 16.31 -29.54 1.69
N ASP A 165 15.87 -30.09 2.82
CA ASP A 165 15.05 -31.29 2.82
C ASP A 165 13.77 -31.10 2.01
N ALA A 166 13.06 -30.03 2.32
CA ALA A 166 11.77 -29.74 1.74
C ALA A 166 11.88 -29.54 0.24
N PHE A 167 13.08 -29.28 -0.24
CA PHE A 167 13.28 -28.99 -1.64
C PHE A 167 13.46 -30.26 -2.47
N LYS A 168 13.62 -31.41 -1.79
CA LYS A 168 13.81 -32.69 -2.48
C LYS A 168 12.73 -32.95 -3.52
N GLY A 169 13.14 -33.08 -4.77
CA GLY A 169 12.22 -33.26 -5.86
C GLY A 169 11.43 -32.01 -6.23
N GLN A 170 11.78 -30.88 -5.62
CA GLN A 170 11.04 -29.64 -5.85
C GLN A 170 11.87 -28.60 -6.59
N VAL A 171 13.14 -28.93 -6.84
CA VAL A 171 14.09 -27.96 -7.36
C VAL A 171 13.66 -27.35 -8.70
N PHE A 172 13.18 -28.17 -9.61
CA PHE A 172 12.71 -27.65 -10.87
C PHE A 172 11.53 -26.68 -10.73
N ALA A 173 10.54 -27.05 -9.92
CA ALA A 173 9.39 -26.18 -9.66
C ALA A 173 9.83 -24.86 -9.04
N LEU A 174 10.84 -24.92 -8.18
CA LEU A 174 11.29 -23.73 -7.48
C LEU A 174 12.25 -22.87 -8.29
N SER A 175 13.12 -23.52 -9.04
CA SER A 175 14.00 -22.81 -9.95
C SER A 175 13.19 -22.02 -10.97
N THR A 176 12.10 -22.60 -11.46
CA THR A 176 11.25 -21.90 -12.44
C THR A 176 10.22 -21.00 -11.77
N HIS A 177 10.37 -20.80 -10.47
CA HIS A 177 9.43 -19.93 -9.76
C HIS A 177 9.98 -18.50 -9.62
N PRO A 178 9.10 -17.50 -9.74
CA PRO A 178 9.55 -16.09 -9.64
C PRO A 178 10.33 -15.85 -8.34
N TYR A 179 9.82 -16.35 -7.23
CA TYR A 179 10.49 -16.18 -5.96
C TYR A 179 11.42 -17.35 -5.66
N GLY A 180 10.94 -18.55 -5.91
CA GLY A 180 11.72 -19.74 -5.64
C GLY A 180 13.15 -19.63 -6.11
N CYS A 181 13.32 -19.16 -7.35
CA CYS A 181 14.64 -19.09 -7.98
C CYS A 181 15.60 -18.20 -7.20
N ARG A 182 15.07 -17.30 -6.39
CA ARG A 182 15.91 -16.41 -5.63
C ARG A 182 16.46 -17.16 -4.42
N VAL A 183 15.62 -18.00 -3.82
CA VAL A 183 16.01 -18.83 -2.69
C VAL A 183 17.03 -19.87 -3.10
N ILE A 184 16.86 -20.39 -4.31
CA ILE A 184 17.73 -21.43 -4.83
C ILE A 184 19.15 -20.89 -4.88
N GLN A 185 19.28 -19.67 -5.40
CA GLN A 185 20.61 -19.11 -5.52
C GLN A 185 21.24 -18.83 -4.15
N ARG A 186 20.47 -18.25 -3.23
CA ARG A 186 20.99 -18.05 -1.89
C ARG A 186 21.62 -19.35 -1.42
N ILE A 187 20.84 -20.42 -1.45
CA ILE A 187 21.33 -21.73 -1.08
C ILE A 187 22.61 -22.08 -1.83
N LEU A 188 22.62 -21.80 -3.12
CA LEU A 188 23.81 -22.06 -3.91
C LEU A 188 25.00 -21.24 -3.43
N GLU A 189 24.73 -20.08 -2.83
CA GLU A 189 25.79 -19.16 -2.44
C GLU A 189 26.35 -19.48 -1.08
N HIS A 190 25.46 -19.83 -0.16
CA HIS A 190 25.80 -19.92 1.24
C HIS A 190 25.75 -21.35 1.81
N CYS A 191 25.20 -22.29 1.07
CA CYS A 191 24.98 -23.61 1.64
C CYS A 191 26.08 -24.64 1.41
N LEU A 192 26.22 -25.53 2.39
CA LEU A 192 27.30 -26.51 2.44
C LEU A 192 27.34 -27.38 1.18
N PRO A 193 28.46 -28.11 0.98
CA PRO A 193 28.65 -28.90 -0.24
C PRO A 193 27.71 -30.09 -0.28
N ASP A 194 27.42 -30.66 0.88
CA ASP A 194 26.35 -31.63 0.98
C ASP A 194 25.07 -30.95 0.55
N GLN A 195 24.57 -30.09 1.43
CA GLN A 195 23.38 -29.30 1.19
C GLN A 195 23.18 -28.92 -0.29
N THR A 196 24.25 -28.52 -0.96
CA THR A 196 24.11 -28.01 -2.33
C THR A 196 24.22 -29.08 -3.42
N LEU A 197 24.69 -30.27 -3.07
CA LEU A 197 24.88 -31.33 -4.06
C LEU A 197 23.58 -31.87 -4.68
N PRO A 198 22.59 -32.20 -3.84
CA PRO A 198 21.37 -32.78 -4.41
C PRO A 198 20.62 -31.71 -5.17
N ILE A 199 20.86 -30.45 -4.77
CA ILE A 199 20.26 -29.33 -5.46
C ILE A 199 20.78 -29.32 -6.88
N LEU A 200 22.10 -29.30 -7.02
CA LEU A 200 22.73 -29.24 -8.32
C LEU A 200 22.40 -30.45 -9.16
N GLU A 201 22.22 -31.59 -8.50
CA GLU A 201 21.86 -32.78 -9.26
C GLU A 201 20.54 -32.57 -9.99
N GLU A 202 19.48 -32.23 -9.26
CA GLU A 202 18.21 -31.97 -9.89
C GLU A 202 18.39 -30.94 -10.99
N LEU A 203 19.21 -29.93 -10.69
CA LEU A 203 19.44 -28.84 -11.63
C LEU A 203 20.01 -29.36 -12.94
N HIS A 204 21.06 -30.15 -12.87
CA HIS A 204 21.58 -30.77 -14.09
C HIS A 204 20.50 -31.63 -14.77
N GLN A 205 19.64 -32.24 -13.97
CA GLN A 205 18.60 -33.11 -14.48
C GLN A 205 17.49 -32.40 -15.28
N HIS A 206 17.46 -31.07 -15.25
CA HIS A 206 16.44 -30.32 -15.99
C HIS A 206 17.02 -29.25 -16.89
N THR A 207 18.32 -29.33 -17.14
CA THR A 207 19.00 -28.29 -17.88
C THR A 207 18.23 -27.82 -19.11
N GLU A 208 17.89 -28.76 -20.00
CA GLU A 208 17.14 -28.39 -21.19
C GLU A 208 15.99 -27.43 -20.88
N GLN A 209 15.16 -27.83 -19.91
CA GLN A 209 13.98 -27.05 -19.56
C GLN A 209 14.32 -25.74 -18.87
N LEU A 210 15.22 -25.79 -17.90
CA LEU A 210 15.58 -24.60 -17.14
C LEU A 210 16.16 -23.50 -18.01
N VAL A 211 16.99 -23.84 -18.99
CA VAL A 211 17.66 -22.79 -19.75
C VAL A 211 16.70 -21.99 -20.63
N GLN A 212 15.47 -22.48 -20.78
CA GLN A 212 14.49 -21.77 -21.59
C GLN A 212 13.45 -21.05 -20.73
N ASP A 213 13.48 -21.32 -19.43
CA ASP A 213 12.58 -20.63 -18.54
C ASP A 213 13.21 -19.33 -18.08
N GLN A 214 12.40 -18.28 -17.99
CA GLN A 214 12.88 -17.00 -17.53
C GLN A 214 13.68 -17.05 -16.22
N TYR A 215 13.19 -17.78 -15.22
CA TYR A 215 13.90 -17.83 -13.95
C TYR A 215 14.93 -18.95 -13.88
N GLY A 216 14.61 -20.07 -14.52
CA GLY A 216 15.55 -21.17 -14.62
C GLY A 216 16.80 -20.66 -15.29
N SER A 217 16.59 -19.78 -16.27
CA SER A 217 17.69 -19.09 -16.95
C SER A 217 18.63 -18.46 -15.93
N TYR A 218 18.06 -17.75 -14.98
CA TYR A 218 18.84 -17.10 -13.94
C TYR A 218 19.60 -18.11 -13.06
N VAL A 219 18.96 -19.23 -12.72
CA VAL A 219 19.57 -20.20 -11.82
C VAL A 219 20.78 -20.89 -12.48
N ILE A 220 20.62 -21.33 -13.71
CA ILE A 220 21.73 -21.89 -14.49
C ILE A 220 22.90 -20.90 -14.57
N ARG A 221 22.62 -19.71 -15.07
CA ARG A 221 23.62 -18.66 -15.17
C ARG A 221 24.38 -18.45 -13.87
N HIS A 222 23.67 -18.45 -12.76
CA HIS A 222 24.33 -18.28 -11.47
C HIS A 222 25.40 -19.34 -11.27
N VAL A 223 25.10 -20.55 -11.71
CA VAL A 223 26.06 -21.65 -11.59
C VAL A 223 27.21 -21.42 -12.57
N LEU A 224 26.85 -21.08 -13.80
CA LEU A 224 27.85 -20.75 -14.80
C LEU A 224 28.79 -19.68 -14.25
N GLU A 225 28.29 -18.80 -13.40
CA GLU A 225 29.09 -17.72 -12.84
C GLU A 225 29.83 -18.03 -11.52
N HIS A 226 29.23 -18.83 -10.65
CA HIS A 226 29.85 -19.08 -9.36
C HIS A 226 30.02 -20.55 -9.07
N GLY A 227 29.36 -21.38 -9.87
CA GLY A 227 29.37 -22.81 -9.65
C GLY A 227 30.75 -23.39 -9.81
N ARG A 228 30.87 -24.70 -9.62
CA ARG A 228 32.14 -25.38 -9.74
C ARG A 228 32.40 -25.88 -11.16
N PRO A 229 33.68 -26.10 -11.50
CA PRO A 229 34.13 -26.47 -12.85
C PRO A 229 33.46 -27.74 -13.38
N GLU A 230 33.27 -28.72 -12.52
CA GLU A 230 32.53 -29.89 -12.91
C GLU A 230 31.12 -29.44 -13.30
N ASP A 231 30.51 -28.68 -12.42
CA ASP A 231 29.18 -28.13 -12.67
C ASP A 231 29.09 -27.37 -14.01
N LYS A 232 29.93 -26.36 -14.18
CA LYS A 232 29.89 -25.54 -15.39
C LYS A 232 30.00 -26.37 -16.67
N SER A 233 30.92 -27.32 -16.68
CA SER A 233 31.19 -28.06 -17.89
C SER A 233 30.03 -28.97 -18.33
N LYS A 234 29.44 -29.69 -17.38
CA LYS A 234 28.30 -30.52 -17.74
C LYS A 234 27.20 -29.66 -18.31
N ILE A 235 27.04 -28.47 -17.75
CA ILE A 235 26.12 -27.50 -18.31
C ILE A 235 26.50 -27.20 -19.76
N VAL A 236 27.78 -26.99 -20.00
CA VAL A 236 28.25 -26.75 -21.35
C VAL A 236 27.94 -27.93 -22.27
N ALA A 237 28.15 -29.13 -21.75
CA ALA A 237 27.90 -30.34 -22.53
C ALA A 237 26.45 -30.39 -22.97
N GLU A 238 25.58 -29.92 -22.10
CA GLU A 238 24.16 -29.81 -22.42
C GLU A 238 23.94 -28.84 -23.57
N ILE A 239 24.66 -27.73 -23.57
CA ILE A 239 24.49 -26.70 -24.59
C ILE A 239 25.01 -27.13 -25.95
N ARG A 240 26.23 -27.67 -25.96
CA ARG A 240 26.82 -28.18 -27.19
C ARG A 240 25.76 -28.90 -28.01
N GLY A 241 25.83 -28.73 -29.32
CA GLY A 241 24.86 -29.32 -30.22
C GLY A 241 23.61 -28.47 -30.27
N ASN A 242 23.35 -27.73 -29.21
CA ASN A 242 22.10 -27.00 -29.09
C ASN A 242 22.29 -25.51 -29.24
N VAL A 243 23.54 -25.10 -29.45
CA VAL A 243 23.89 -23.69 -29.58
C VAL A 243 22.99 -22.91 -30.51
N LEU A 244 22.79 -23.42 -31.72
CA LEU A 244 22.03 -22.67 -32.70
C LEU A 244 20.63 -22.34 -32.21
N VAL A 245 19.91 -23.36 -31.78
CA VAL A 245 18.51 -23.22 -31.39
C VAL A 245 18.39 -22.46 -30.07
N LEU A 246 19.36 -22.64 -29.19
CA LEU A 246 19.34 -21.99 -27.89
C LEU A 246 19.63 -20.50 -28.03
N SER A 247 20.52 -20.18 -28.96
CA SER A 247 20.90 -18.79 -29.21
C SER A 247 19.76 -17.96 -29.77
N GLN A 248 18.82 -18.58 -30.47
CA GLN A 248 17.67 -17.85 -30.95
C GLN A 248 16.65 -17.71 -29.84
N HIS A 249 17.01 -18.16 -28.65
CA HIS A 249 16.05 -18.10 -27.58
C HIS A 249 16.25 -16.87 -26.72
N LYS A 250 15.15 -16.23 -26.34
CA LYS A 250 15.18 -15.04 -25.51
C LYS A 250 15.97 -15.26 -24.21
N PHE A 251 15.61 -16.26 -23.43
CA PHE A 251 16.31 -16.50 -22.18
C PHE A 251 17.54 -17.40 -22.36
N ALA A 252 17.45 -18.37 -23.28
CA ALA A 252 18.55 -19.31 -23.51
C ALA A 252 19.83 -18.65 -24.02
N SER A 253 19.67 -17.60 -24.82
CA SER A 253 20.85 -16.92 -25.34
C SER A 253 21.67 -16.27 -24.22
N ASN A 254 21.04 -15.96 -23.09
CA ASN A 254 21.79 -15.35 -21.99
C ASN A 254 22.68 -16.38 -21.30
N VAL A 255 22.28 -17.64 -21.42
CA VAL A 255 23.05 -18.74 -20.89
C VAL A 255 24.15 -19.14 -21.88
N VAL A 256 23.78 -19.26 -23.15
CA VAL A 256 24.76 -19.59 -24.18
C VAL A 256 25.95 -18.65 -24.08
N GLU A 257 25.69 -17.35 -24.18
CA GLU A 257 26.77 -16.39 -24.09
C GLU A 257 27.53 -16.64 -22.80
N LYS A 258 26.80 -17.07 -21.79
CA LYS A 258 27.40 -17.21 -20.49
C LYS A 258 28.25 -18.46 -20.46
N CYS A 259 27.93 -19.39 -21.35
CA CYS A 259 28.69 -20.62 -21.43
C CYS A 259 30.05 -20.31 -22.06
N VAL A 260 30.05 -19.37 -23.00
CA VAL A 260 31.30 -18.92 -23.57
C VAL A 260 32.11 -18.16 -22.54
N THR A 261 31.49 -17.15 -21.95
CA THR A 261 32.18 -16.31 -20.99
C THR A 261 32.84 -17.11 -19.86
N HIS A 262 32.32 -18.30 -19.59
CA HIS A 262 32.78 -19.04 -18.42
C HIS A 262 33.17 -20.50 -18.64
N ALA A 263 33.32 -20.91 -19.89
CA ALA A 263 33.77 -22.27 -20.16
C ALA A 263 35.27 -22.33 -19.94
N SER A 264 35.85 -23.52 -20.09
CA SER A 264 37.31 -23.64 -20.10
C SER A 264 37.76 -23.32 -21.51
N ARG A 265 38.98 -22.81 -21.65
CA ARG A 265 39.49 -22.41 -22.96
C ARG A 265 39.12 -23.41 -24.05
N THR A 266 39.25 -24.70 -23.74
CA THR A 266 38.94 -25.77 -24.67
C THR A 266 37.46 -25.73 -25.06
N GLU A 267 36.61 -26.01 -24.08
CA GLU A 267 35.16 -25.93 -24.26
C GLU A 267 34.85 -24.63 -25.00
N ARG A 268 35.35 -23.54 -24.42
CA ARG A 268 35.13 -22.20 -24.93
C ARG A 268 35.45 -22.11 -26.41
N ALA A 269 36.42 -22.91 -26.84
CA ALA A 269 36.81 -22.95 -28.25
C ALA A 269 35.89 -23.88 -29.02
N VAL A 270 35.55 -25.00 -28.38
CA VAL A 270 34.69 -26.00 -28.98
C VAL A 270 33.35 -25.39 -29.38
N LEU A 271 32.80 -24.60 -28.46
CA LEU A 271 31.53 -23.92 -28.67
C LEU A 271 31.57 -22.99 -29.87
N ILE A 272 32.63 -22.18 -29.95
CA ILE A 272 32.75 -21.27 -31.08
C ILE A 272 32.85 -22.08 -32.37
N ASP A 273 33.79 -23.02 -32.39
CA ASP A 273 33.93 -23.87 -33.56
C ASP A 273 32.57 -24.39 -33.95
N GLU A 274 31.83 -24.89 -32.98
CA GLU A 274 30.53 -25.48 -33.20
C GLU A 274 29.60 -24.63 -34.06
N VAL A 275 29.89 -23.33 -34.15
CA VAL A 275 28.99 -22.40 -34.81
C VAL A 275 29.39 -22.09 -36.25
N CYS A 276 30.69 -22.05 -36.52
CA CYS A 276 31.18 -21.76 -37.87
C CYS A 276 31.04 -22.96 -38.81
N THR A 277 31.34 -24.14 -38.29
CA THR A 277 31.31 -25.37 -39.08
C THR A 277 30.05 -25.85 -39.81
N MET A 278 29.05 -26.26 -39.03
CA MET A 278 27.83 -26.84 -39.58
C MET A 278 27.15 -25.74 -40.39
N ASN A 279 26.07 -26.10 -41.09
CA ASN A 279 25.35 -25.10 -41.89
C ASN A 279 23.87 -24.92 -41.55
N ASP A 280 23.28 -23.86 -42.14
CA ASP A 280 21.92 -23.44 -41.86
C ASP A 280 21.18 -23.02 -43.14
N GLY A 281 20.93 -23.97 -44.04
CA GLY A 281 20.18 -23.69 -45.25
C GLY A 281 20.67 -22.48 -46.04
N PRO A 282 19.99 -21.33 -45.91
CA PRO A 282 20.34 -20.10 -46.63
C PRO A 282 21.83 -19.80 -46.55
N HIS A 283 22.43 -20.14 -45.42
CA HIS A 283 23.89 -20.23 -45.30
C HIS A 283 24.25 -20.93 -44.00
N SER A 284 25.53 -21.04 -43.70
CA SER A 284 26.00 -21.78 -42.54
C SER A 284 25.43 -21.22 -41.21
N ALA A 285 25.64 -21.96 -40.11
CA ALA A 285 25.14 -21.52 -38.84
C ALA A 285 25.21 -20.00 -38.69
N LEU A 286 26.30 -19.43 -39.21
CA LEU A 286 26.50 -17.98 -39.14
C LEU A 286 25.26 -17.23 -39.63
N TYR A 287 24.84 -17.48 -40.85
CA TYR A 287 23.72 -16.75 -41.45
C TYR A 287 22.53 -16.31 -40.59
N THR A 288 21.77 -17.31 -40.15
CA THR A 288 20.58 -17.11 -39.34
C THR A 288 20.90 -16.34 -38.07
N MET A 289 21.99 -16.71 -37.41
CA MET A 289 22.33 -16.02 -36.18
C MET A 289 22.45 -14.50 -36.40
N MET A 290 23.49 -14.07 -37.11
CA MET A 290 23.67 -12.65 -37.42
C MET A 290 22.36 -11.98 -37.78
N LYS A 291 21.43 -12.76 -38.33
CA LYS A 291 20.14 -12.26 -38.76
C LYS A 291 19.21 -12.05 -37.57
N ASP A 292 19.55 -12.69 -36.44
CA ASP A 292 18.65 -12.85 -35.29
C ASP A 292 18.74 -11.87 -34.12
N GLN A 293 17.58 -11.48 -33.61
CA GLN A 293 17.49 -10.51 -32.52
C GLN A 293 18.28 -10.92 -31.29
N TYR A 294 18.22 -12.20 -30.93
CA TYR A 294 18.90 -12.64 -29.73
C TYR A 294 20.27 -13.19 -30.07
N ALA A 295 20.36 -13.94 -31.17
CA ALA A 295 21.56 -14.69 -31.51
C ALA A 295 22.72 -13.77 -31.83
N ASN A 296 22.41 -12.61 -32.41
CA ASN A 296 23.43 -11.62 -32.74
C ASN A 296 24.19 -11.22 -31.50
N TYR A 297 23.52 -11.31 -30.35
CA TYR A 297 24.15 -11.02 -29.09
C TYR A 297 25.17 -12.11 -28.77
N VAL A 298 24.84 -13.33 -29.15
CA VAL A 298 25.74 -14.44 -28.89
C VAL A 298 26.91 -14.39 -29.87
N VAL A 299 26.59 -14.24 -31.14
CA VAL A 299 27.63 -14.09 -32.16
C VAL A 299 28.70 -13.12 -31.69
N GLN A 300 28.28 -11.95 -31.19
CA GLN A 300 29.23 -10.91 -30.80
C GLN A 300 30.08 -11.33 -29.61
N LYS A 301 29.46 -12.03 -28.66
CA LYS A 301 30.17 -12.50 -27.47
C LYS A 301 31.31 -13.43 -27.87
N MET A 302 31.00 -14.42 -28.69
CA MET A 302 32.00 -15.37 -29.15
C MET A 302 33.25 -14.62 -29.54
N ILE A 303 33.05 -13.46 -30.16
CA ILE A 303 34.14 -12.67 -30.69
C ILE A 303 35.06 -12.17 -29.58
N ASP A 304 34.50 -11.51 -28.57
CA ASP A 304 35.30 -10.98 -27.47
C ASP A 304 36.18 -12.05 -26.83
N VAL A 305 35.61 -13.25 -26.67
CA VAL A 305 36.32 -14.37 -26.06
C VAL A 305 37.22 -15.07 -27.07
N ALA A 306 36.84 -15.04 -28.34
CA ALA A 306 37.63 -15.69 -29.37
C ALA A 306 39.07 -15.21 -29.31
N GLU A 307 39.94 -16.06 -28.79
CA GLU A 307 41.37 -15.77 -28.73
C GLU A 307 41.89 -15.40 -30.12
N PRO A 308 42.96 -14.62 -30.13
CA PRO A 308 43.57 -14.15 -31.36
C PRO A 308 43.45 -15.08 -32.60
N GLY A 309 43.89 -16.32 -32.46
CA GLY A 309 43.89 -17.24 -33.56
C GLY A 309 42.45 -17.62 -33.86
N GLN A 310 41.73 -17.97 -32.80
CA GLN A 310 40.30 -18.26 -32.88
C GLN A 310 39.56 -17.09 -33.50
N ARG A 311 39.64 -15.93 -32.85
CA ARG A 311 38.99 -14.72 -33.34
C ARG A 311 39.26 -14.48 -34.81
N LYS A 312 40.54 -14.43 -35.15
CA LYS A 312 40.98 -14.29 -36.52
C LYS A 312 40.15 -15.21 -37.42
N ILE A 313 40.32 -16.52 -37.23
CA ILE A 313 39.53 -17.51 -37.94
C ILE A 313 38.08 -17.08 -38.07
N VAL A 314 37.50 -16.72 -36.93
CA VAL A 314 36.10 -16.32 -36.85
C VAL A 314 35.74 -15.21 -37.85
N MET A 315 36.39 -14.06 -37.73
CA MET A 315 36.13 -12.92 -38.60
C MET A 315 35.97 -13.34 -40.06
N HIS A 316 37.03 -13.92 -40.59
CA HIS A 316 37.05 -14.51 -41.93
C HIS A 316 35.65 -14.93 -42.34
N LYS A 317 35.05 -15.77 -41.50
CA LYS A 317 33.91 -16.59 -41.87
C LYS A 317 32.64 -15.84 -42.25
N ILE A 318 32.57 -14.56 -41.89
CA ILE A 318 31.36 -13.79 -42.11
C ILE A 318 31.46 -12.84 -43.29
N ARG A 319 32.68 -12.40 -43.61
CA ARG A 319 32.91 -11.57 -44.79
C ARG A 319 31.92 -11.92 -45.90
N PRO A 320 31.88 -13.20 -46.29
CA PRO A 320 31.00 -13.64 -47.37
C PRO A 320 29.60 -13.06 -47.25
N HIS A 321 29.10 -12.98 -46.02
CA HIS A 321 27.74 -12.57 -45.77
C HIS A 321 27.68 -11.07 -45.49
N ILE A 322 28.83 -10.52 -45.13
CA ILE A 322 28.96 -9.11 -44.77
C ILE A 322 28.00 -8.27 -45.59
N ALA A 323 28.06 -8.43 -46.91
CA ALA A 323 27.17 -7.68 -47.76
C ALA A 323 25.74 -7.90 -47.26
N THR A 324 25.27 -9.13 -47.42
CA THR A 324 23.92 -9.50 -47.05
C THR A 324 23.51 -9.08 -45.64
N LEU A 325 24.47 -8.66 -44.83
CA LEU A 325 24.20 -8.26 -43.45
C LEU A 325 23.33 -7.01 -43.35
N ARG A 326 23.80 -5.90 -43.93
CA ARG A 326 23.12 -4.62 -43.72
C ARG A 326 21.67 -4.67 -44.17
N LYS A 327 21.36 -5.60 -45.08
CA LYS A 327 19.99 -5.83 -45.51
C LYS A 327 19.08 -6.11 -44.32
N TYR A 328 19.71 -6.43 -43.18
CA TYR A 328 18.96 -6.88 -42.00
C TYR A 328 19.30 -6.13 -40.72
N THR A 329 18.22 -5.65 -40.08
CA THR A 329 18.26 -4.91 -38.82
C THR A 329 19.34 -5.34 -37.83
N TYR A 330 19.33 -6.61 -37.46
CA TYR A 330 20.13 -7.06 -36.33
C TYR A 330 21.58 -7.41 -36.69
N GLY A 331 21.88 -7.47 -37.98
CA GLY A 331 23.24 -7.74 -38.41
C GLY A 331 24.12 -6.51 -38.30
N LYS A 332 23.50 -5.35 -38.49
CA LYS A 332 24.21 -4.07 -38.50
C LYS A 332 25.36 -4.01 -37.50
N HIS A 333 25.09 -4.38 -36.26
CA HIS A 333 26.09 -4.28 -35.19
C HIS A 333 27.25 -5.22 -35.44
N ILE A 334 26.97 -6.32 -36.12
CA ILE A 334 27.97 -7.36 -36.38
C ILE A 334 29.18 -6.82 -37.14
N LEU A 335 28.93 -6.25 -38.31
CA LEU A 335 30.00 -5.63 -39.09
C LEU A 335 30.68 -4.61 -38.22
N ALA A 336 29.87 -3.79 -37.55
CA ALA A 336 30.37 -2.86 -36.56
C ALA A 336 31.38 -3.57 -35.65
N LYS A 337 31.09 -4.82 -35.33
CA LYS A 337 32.03 -5.65 -34.58
C LYS A 337 33.20 -6.00 -35.48
N LEU A 338 34.39 -5.54 -35.11
CA LEU A 338 35.59 -5.82 -35.89
C LEU A 338 36.49 -4.58 -35.97
N GLY B 2 -23.30 -4.40 -31.35
CA GLY B 2 -22.90 -5.73 -31.75
C GLY B 2 -21.54 -6.13 -31.22
N ARG B 3 -21.49 -7.27 -30.53
CA ARG B 3 -20.25 -7.74 -29.93
C ARG B 3 -19.64 -8.89 -30.72
N SER B 4 -18.32 -8.94 -30.74
CA SER B 4 -17.59 -9.99 -31.44
C SER B 4 -18.12 -11.36 -31.01
N ARG B 5 -18.05 -12.33 -31.91
CA ARG B 5 -18.55 -13.67 -31.61
C ARG B 5 -17.88 -14.25 -30.37
N LEU B 6 -16.67 -13.80 -30.10
CA LEU B 6 -15.90 -14.24 -28.95
C LEU B 6 -16.54 -13.76 -27.65
N LEU B 7 -16.80 -12.46 -27.56
CA LEU B 7 -17.41 -11.91 -26.36
C LEU B 7 -18.70 -12.68 -26.02
N GLU B 8 -19.59 -12.78 -27.01
CA GLU B 8 -20.85 -13.50 -26.84
C GLU B 8 -20.59 -14.92 -26.32
N ASP B 9 -19.82 -15.69 -27.07
CA ASP B 9 -19.50 -17.06 -26.67
C ASP B 9 -19.06 -17.10 -25.21
N PHE B 10 -18.32 -16.08 -24.79
CA PHE B 10 -17.85 -15.98 -23.41
C PHE B 10 -19.02 -15.70 -22.48
N ARG B 11 -20.04 -15.04 -23.01
CA ARG B 11 -21.25 -14.72 -22.24
C ARG B 11 -22.03 -16.00 -21.93
N ASN B 12 -22.19 -16.84 -22.95
CA ASN B 12 -22.90 -18.10 -22.79
C ASN B 12 -22.11 -19.06 -21.90
N ASN B 13 -20.86 -18.71 -21.63
CA ASN B 13 -20.01 -19.52 -20.77
C ASN B 13 -19.38 -20.70 -21.50
N ARG B 14 -19.11 -20.52 -22.79
CA ARG B 14 -18.47 -21.55 -23.59
C ARG B 14 -16.96 -21.59 -23.40
N TYR B 15 -16.48 -20.88 -22.38
CA TYR B 15 -15.06 -20.83 -22.08
C TYR B 15 -14.84 -20.87 -20.57
N PRO B 16 -14.80 -22.07 -20.00
CA PRO B 16 -14.65 -22.24 -18.56
C PRO B 16 -13.22 -22.00 -18.08
N ASN B 17 -12.26 -22.05 -19.01
CA ASN B 17 -10.86 -21.86 -18.66
C ASN B 17 -10.17 -20.81 -19.54
N LEU B 18 -10.96 -20.01 -20.24
CA LEU B 18 -10.42 -18.96 -21.10
C LEU B 18 -9.28 -18.23 -20.40
N GLN B 19 -8.22 -17.93 -21.14
CA GLN B 19 -7.05 -17.26 -20.55
C GLN B 19 -6.89 -15.84 -21.08
N LEU B 20 -6.08 -15.04 -20.40
CA LEU B 20 -5.84 -13.66 -20.80
C LEU B 20 -5.31 -13.62 -22.23
N ARG B 21 -4.25 -14.37 -22.47
CA ARG B 21 -3.67 -14.48 -23.80
C ARG B 21 -4.77 -14.68 -24.83
N GLU B 22 -5.68 -15.60 -24.55
CA GLU B 22 -6.72 -15.99 -25.50
C GLU B 22 -7.73 -14.89 -25.88
N ILE B 23 -7.59 -13.72 -25.28
CA ILE B 23 -8.51 -12.61 -25.55
C ILE B 23 -7.84 -11.43 -26.24
N ALA B 24 -6.51 -11.49 -26.31
CA ALA B 24 -5.73 -10.45 -26.97
C ALA B 24 -6.47 -9.94 -28.19
N GLY B 25 -6.46 -8.63 -28.38
CA GLY B 25 -7.16 -8.02 -29.50
C GLY B 25 -8.61 -7.72 -29.14
N HIS B 26 -9.00 -8.07 -27.92
CA HIS B 26 -10.37 -7.86 -27.47
C HIS B 26 -10.48 -7.30 -26.05
N ILE B 27 -9.40 -6.69 -25.57
CA ILE B 27 -9.41 -6.08 -24.25
C ILE B 27 -10.49 -5.00 -24.15
N MET B 28 -10.32 -3.92 -24.90
CA MET B 28 -11.28 -2.81 -24.88
C MET B 28 -12.72 -3.31 -24.86
N GLU B 29 -13.02 -4.28 -25.72
CA GLU B 29 -14.37 -4.83 -25.84
C GLU B 29 -14.80 -5.52 -24.55
N PHE B 30 -13.89 -6.29 -23.96
CA PHE B 30 -14.18 -7.02 -22.73
C PHE B 30 -14.25 -6.10 -21.52
N SER B 31 -13.49 -5.02 -21.56
CA SER B 31 -13.43 -4.05 -20.47
C SER B 31 -14.71 -3.25 -20.39
N GLN B 32 -15.38 -3.08 -21.52
CA GLN B 32 -16.63 -2.32 -21.57
C GLN B 32 -17.82 -3.26 -21.39
N ASP B 33 -17.54 -4.45 -20.89
CA ASP B 33 -18.57 -5.45 -20.69
C ASP B 33 -18.58 -5.92 -19.23
N GLN B 34 -19.78 -6.00 -18.66
CA GLN B 34 -19.88 -6.31 -17.25
C GLN B 34 -19.01 -7.51 -16.89
N HIS B 35 -19.30 -8.64 -17.51
CA HIS B 35 -18.60 -9.86 -17.14
C HIS B 35 -17.22 -9.96 -17.75
N GLY B 36 -17.08 -9.51 -18.99
CA GLY B 36 -15.76 -9.35 -19.58
C GLY B 36 -14.84 -8.52 -18.71
N SER B 37 -15.41 -7.48 -18.10
CA SER B 37 -14.67 -6.60 -17.22
C SER B 37 -14.26 -7.34 -15.94
N ARG B 38 -15.23 -7.95 -15.28
CA ARG B 38 -14.97 -8.74 -14.09
C ARG B 38 -13.92 -9.83 -14.35
N PHE B 39 -14.00 -10.45 -15.52
CA PHE B 39 -13.07 -11.51 -15.88
C PHE B 39 -11.64 -11.00 -15.90
N ILE B 40 -11.44 -9.86 -16.56
CA ILE B 40 -10.12 -9.22 -16.63
C ILE B 40 -9.64 -8.87 -15.23
N GLN B 41 -10.46 -8.14 -14.49
CA GLN B 41 -10.12 -7.77 -13.13
C GLN B 41 -9.57 -8.98 -12.37
N LEU B 42 -10.39 -10.03 -12.25
CA LEU B 42 -9.97 -11.24 -11.57
C LEU B 42 -8.64 -11.78 -12.09
N LYS B 43 -8.55 -11.94 -13.40
CA LYS B 43 -7.35 -12.48 -14.04
C LYS B 43 -6.11 -11.67 -13.70
N LEU B 44 -6.20 -10.35 -13.79
CA LEU B 44 -5.07 -9.48 -13.51
C LEU B 44 -4.31 -9.94 -12.27
N GLU B 45 -5.05 -10.15 -11.19
CA GLU B 45 -4.47 -10.60 -9.92
C GLU B 45 -3.61 -11.85 -10.07
N ARG B 46 -4.05 -12.78 -10.91
CA ARG B 46 -3.35 -14.05 -11.07
C ARG B 46 -2.17 -13.85 -12.03
N ALA B 47 -2.19 -12.72 -12.71
CA ALA B 47 -1.35 -12.53 -13.88
C ALA B 47 0.10 -12.13 -13.57
N THR B 48 1.00 -12.61 -14.42
CA THR B 48 2.40 -12.26 -14.33
C THR B 48 2.62 -10.82 -14.82
N PRO B 49 3.85 -10.31 -14.67
CA PRO B 49 4.08 -8.95 -15.19
C PRO B 49 3.87 -8.93 -16.70
N ALA B 50 4.34 -9.95 -17.38
CA ALA B 50 4.18 -10.00 -18.84
C ALA B 50 2.70 -9.94 -19.22
N GLU B 51 1.95 -10.96 -18.81
CA GLU B 51 0.51 -11.02 -19.03
C GLU B 51 -0.13 -9.66 -18.78
N ARG B 52 0.22 -9.07 -17.65
CA ARG B 52 -0.36 -7.79 -17.27
C ARG B 52 -0.08 -6.71 -18.32
N GLN B 53 1.17 -6.63 -18.77
CA GLN B 53 1.57 -5.65 -19.78
C GLN B 53 0.83 -5.87 -21.10
N LEU B 54 0.53 -7.12 -21.41
CA LEU B 54 -0.24 -7.46 -22.60
C LEU B 54 -1.58 -6.73 -22.58
N VAL B 55 -2.20 -6.70 -21.40
CA VAL B 55 -3.46 -6.00 -21.21
C VAL B 55 -3.23 -4.49 -21.26
N PHE B 56 -2.21 -4.03 -20.54
CA PHE B 56 -1.92 -2.61 -20.45
C PHE B 56 -1.82 -1.94 -21.82
N ASN B 57 -1.07 -2.56 -22.73
CA ASN B 57 -0.92 -2.02 -24.07
C ASN B 57 -2.23 -1.70 -24.79
N GLU B 58 -3.18 -2.62 -24.77
CA GLU B 58 -4.46 -2.42 -25.46
C GLU B 58 -5.33 -1.37 -24.79
N ILE B 59 -5.26 -1.26 -23.47
CA ILE B 59 -6.07 -0.27 -22.78
C ILE B 59 -5.45 1.12 -22.78
N LEU B 60 -4.12 1.19 -22.75
CA LEU B 60 -3.45 2.49 -22.75
C LEU B 60 -3.92 3.33 -23.94
N GLN B 61 -4.05 2.69 -25.09
CA GLN B 61 -4.42 3.41 -26.31
C GLN B 61 -5.78 4.09 -26.23
N ALA B 62 -6.75 3.47 -25.57
CA ALA B 62 -8.05 4.10 -25.40
C ALA B 62 -8.42 4.21 -23.92
N ALA B 63 -7.47 4.71 -23.13
CA ALA B 63 -7.65 4.83 -21.70
C ALA B 63 -8.80 5.78 -21.35
N TYR B 64 -8.80 6.94 -21.99
CA TYR B 64 -9.85 7.93 -21.78
C TYR B 64 -11.23 7.30 -21.82
N GLN B 65 -11.50 6.53 -22.88
CA GLN B 65 -12.81 5.89 -23.02
C GLN B 65 -13.11 5.07 -21.78
N LEU B 66 -12.21 4.15 -21.45
CA LEU B 66 -12.46 3.23 -20.37
C LEU B 66 -12.73 3.96 -19.05
N MET B 67 -12.00 5.06 -18.84
CA MET B 67 -12.07 5.82 -17.60
C MET B 67 -13.46 6.39 -17.32
N VAL B 68 -14.21 6.68 -18.37
CA VAL B 68 -15.56 7.15 -18.16
C VAL B 68 -16.57 6.04 -18.36
N ASP B 69 -16.11 4.80 -18.52
CA ASP B 69 -17.03 3.69 -18.78
C ASP B 69 -17.59 3.04 -17.53
N VAL B 70 -18.89 2.84 -17.53
CA VAL B 70 -19.58 2.18 -16.42
C VAL B 70 -18.90 0.86 -16.01
N PHE B 71 -18.37 0.10 -16.98
CA PHE B 71 -17.62 -1.14 -16.68
C PHE B 71 -16.10 -1.00 -16.82
N GLY B 72 -15.67 -0.17 -17.76
CA GLY B 72 -14.25 0.00 -18.06
C GLY B 72 -13.41 0.56 -16.92
N ASN B 73 -14.03 1.37 -16.06
CA ASN B 73 -13.26 2.16 -15.10
C ASN B 73 -12.64 1.29 -14.00
N TYR B 74 -13.24 0.13 -13.77
CA TYR B 74 -12.69 -0.81 -12.81
C TYR B 74 -11.37 -1.36 -13.32
N VAL B 75 -11.28 -1.61 -14.61
CA VAL B 75 -10.05 -2.13 -15.20
C VAL B 75 -8.92 -1.13 -15.03
N ILE B 76 -9.18 0.12 -15.38
CA ILE B 76 -8.19 1.16 -15.14
C ILE B 76 -7.79 1.22 -13.65
N GLN B 77 -8.77 1.21 -12.75
CA GLN B 77 -8.45 1.37 -11.32
C GLN B 77 -7.50 0.26 -10.90
N LYS B 78 -7.74 -0.94 -11.43
CA LYS B 78 -6.91 -2.10 -11.11
C LYS B 78 -5.43 -1.81 -11.33
N PHE B 79 -5.10 -1.13 -12.43
CA PHE B 79 -3.72 -0.80 -12.74
C PHE B 79 -3.10 0.26 -11.84
N PHE B 80 -3.93 1.17 -11.34
CA PHE B 80 -3.45 2.21 -10.44
C PHE B 80 -3.03 1.62 -9.10
N GLU B 81 -3.71 0.56 -8.68
CA GLU B 81 -3.40 -0.06 -7.39
C GLU B 81 -2.22 -1.03 -7.43
N PHE B 82 -2.41 -2.15 -8.12
CA PHE B 82 -1.45 -3.25 -8.14
C PHE B 82 -0.84 -3.34 -9.53
N GLY B 83 0.03 -2.38 -9.83
CA GLY B 83 0.60 -2.24 -11.16
C GLY B 83 1.93 -1.51 -11.17
N SER B 84 2.73 -1.72 -12.21
CA SER B 84 4.06 -1.15 -12.26
C SER B 84 4.04 0.37 -12.12
N LEU B 85 5.18 0.94 -11.76
CA LEU B 85 5.28 2.39 -11.66
C LEU B 85 5.22 3.01 -13.05
N GLU B 86 5.70 2.28 -14.05
CA GLU B 86 5.74 2.80 -15.41
C GLU B 86 4.33 2.92 -15.95
N GLN B 87 3.49 1.95 -15.59
CA GLN B 87 2.12 1.93 -16.08
C GLN B 87 1.36 3.08 -15.43
N LYS B 88 1.49 3.21 -14.12
CA LYS B 88 0.79 4.25 -13.40
C LYS B 88 1.10 5.62 -13.98
N LEU B 89 2.38 5.85 -14.28
CA LEU B 89 2.79 7.12 -14.87
C LEU B 89 2.21 7.30 -16.27
N ALA B 90 2.11 6.19 -17.01
CA ALA B 90 1.52 6.25 -18.34
C ALA B 90 0.07 6.68 -18.24
N LEU B 91 -0.69 6.02 -17.38
CA LEU B 91 -2.08 6.42 -17.12
C LEU B 91 -2.20 7.82 -16.56
N ALA B 92 -1.45 8.12 -15.50
CA ALA B 92 -1.41 9.49 -14.98
C ALA B 92 -1.28 10.46 -16.14
N GLU B 93 -0.50 10.07 -17.15
CA GLU B 93 -0.24 10.92 -18.27
C GLU B 93 -1.46 11.09 -19.18
N ARG B 94 -2.27 10.04 -19.35
CA ARG B 94 -3.52 10.17 -20.10
C ARG B 94 -4.50 11.09 -19.37
N ILE B 95 -4.22 11.35 -18.10
CA ILE B 95 -5.08 12.20 -17.28
C ILE B 95 -4.87 13.69 -17.58
N ARG B 96 -3.60 14.05 -17.81
CA ARG B 96 -3.25 15.44 -18.08
C ARG B 96 -4.31 16.10 -18.97
N GLY B 97 -4.98 17.11 -18.43
CA GLY B 97 -5.90 17.90 -19.23
C GLY B 97 -7.35 17.44 -19.27
N HIS B 98 -7.68 16.40 -18.52
CA HIS B 98 -9.06 15.91 -18.46
C HIS B 98 -9.50 15.72 -17.03
N VAL B 99 -8.62 16.07 -16.10
CA VAL B 99 -8.93 15.94 -14.69
C VAL B 99 -10.32 16.45 -14.38
N LEU B 100 -10.56 17.73 -14.58
CA LEU B 100 -11.83 18.32 -14.20
C LEU B 100 -13.04 17.60 -14.80
N SER B 101 -13.01 17.40 -16.12
CA SER B 101 -14.10 16.72 -16.80
C SER B 101 -14.26 15.32 -16.24
N LEU B 102 -13.13 14.69 -15.91
CA LEU B 102 -13.15 13.41 -15.25
C LEU B 102 -13.76 13.54 -13.86
N ALA B 103 -13.29 14.51 -13.09
CA ALA B 103 -13.75 14.68 -11.72
C ALA B 103 -15.26 14.87 -11.62
N LEU B 104 -15.84 15.54 -12.61
CA LEU B 104 -17.28 15.80 -12.60
C LEU B 104 -18.01 14.63 -13.19
N GLN B 105 -17.27 13.62 -13.65
CA GLN B 105 -17.85 12.48 -14.34
C GLN B 105 -18.04 11.26 -13.44
N MET B 106 -19.17 10.59 -13.62
CA MET B 106 -19.60 9.52 -12.71
C MET B 106 -18.61 8.37 -12.52
N TYR B 107 -17.97 7.92 -13.59
CA TYR B 107 -16.94 6.88 -13.47
C TYR B 107 -15.55 7.51 -13.44
N GLY B 108 -15.37 8.58 -14.22
CA GLY B 108 -14.10 9.25 -14.24
C GLY B 108 -13.61 9.58 -12.83
N CYS B 109 -14.53 10.06 -12.00
CA CYS B 109 -14.16 10.52 -10.67
C CYS B 109 -13.63 9.38 -9.80
N ARG B 110 -14.17 8.19 -10.01
CA ARG B 110 -13.70 6.98 -9.34
C ARG B 110 -12.24 6.65 -9.71
N VAL B 111 -11.86 6.96 -10.95
CA VAL B 111 -10.50 6.72 -11.38
C VAL B 111 -9.60 7.78 -10.79
N ILE B 112 -10.02 9.04 -10.85
CA ILE B 112 -9.23 10.12 -10.29
C ILE B 112 -8.92 9.83 -8.82
N GLN B 113 -9.95 9.46 -8.07
CA GLN B 113 -9.76 9.10 -6.67
C GLN B 113 -8.73 7.98 -6.48
N LYS B 114 -8.91 6.89 -7.21
CA LYS B 114 -7.97 5.78 -7.15
C LYS B 114 -6.57 6.21 -7.57
N ALA B 115 -6.48 7.14 -8.51
CA ALA B 115 -5.18 7.62 -8.94
C ALA B 115 -4.52 8.40 -7.81
N LEU B 116 -5.26 9.33 -7.23
CA LEU B 116 -4.75 10.18 -6.15
C LEU B 116 -4.11 9.37 -5.05
N GLU B 117 -4.70 8.22 -4.75
CA GLU B 117 -4.22 7.37 -3.67
C GLU B 117 -2.88 6.71 -4.00
N PHE B 118 -2.62 6.46 -5.28
CA PHE B 118 -1.52 5.55 -5.64
C PHE B 118 -0.35 6.16 -6.40
N ILE B 119 -0.57 7.27 -7.08
CA ILE B 119 0.50 7.89 -7.84
C ILE B 119 1.29 8.83 -6.94
N PRO B 120 2.60 8.98 -7.24
CA PRO B 120 3.56 9.79 -6.47
C PRO B 120 3.07 11.23 -6.27
N SER B 121 3.68 11.93 -5.32
CA SER B 121 3.33 13.31 -5.03
C SER B 121 3.39 14.21 -6.27
N ASP B 122 4.41 14.02 -7.10
CA ASP B 122 4.63 14.89 -8.26
C ASP B 122 3.48 14.87 -9.25
N GLN B 123 3.03 13.68 -9.61
CA GLN B 123 1.89 13.56 -10.50
C GLN B 123 0.61 13.93 -9.76
N GLN B 124 0.60 13.66 -8.46
CA GLN B 124 -0.46 14.10 -7.58
C GLN B 124 -0.70 15.60 -7.70
N ASN B 125 0.36 16.38 -7.46
CA ASN B 125 0.21 17.83 -7.42
C ASN B 125 -0.19 18.32 -8.79
N GLU B 126 0.41 17.72 -9.81
CA GLU B 126 0.06 18.06 -11.18
C GLU B 126 -1.44 17.91 -11.42
N MET B 127 -2.02 16.82 -10.93
CA MET B 127 -3.46 16.63 -11.06
C MET B 127 -4.22 17.72 -10.34
N VAL B 128 -3.88 17.90 -9.07
CA VAL B 128 -4.57 18.90 -8.26
C VAL B 128 -4.69 20.23 -8.98
N ARG B 129 -3.55 20.78 -9.41
CA ARG B 129 -3.51 22.05 -10.15
C ARG B 129 -4.68 22.20 -11.11
N GLU B 130 -4.97 21.15 -11.87
CA GLU B 130 -6.00 21.22 -12.90
C GLU B 130 -7.35 21.67 -12.37
N LEU B 131 -7.49 21.71 -11.04
CA LEU B 131 -8.76 22.07 -10.44
C LEU B 131 -8.81 23.55 -10.11
N ASP B 132 -7.66 24.21 -10.18
CA ASP B 132 -7.60 25.63 -9.88
C ASP B 132 -8.77 26.35 -10.55
N GLY B 133 -9.33 27.32 -9.84
CA GLY B 133 -10.45 28.07 -10.36
C GLY B 133 -11.66 27.23 -10.72
N HIS B 134 -11.65 25.96 -10.34
CA HIS B 134 -12.82 25.09 -10.51
C HIS B 134 -13.21 24.40 -9.20
N VAL B 135 -12.58 24.83 -8.10
CA VAL B 135 -12.84 24.23 -6.80
C VAL B 135 -14.33 24.21 -6.48
N LEU B 136 -14.91 25.38 -6.32
CA LEU B 136 -16.29 25.49 -5.87
C LEU B 136 -17.22 24.63 -6.72
N LYS B 137 -17.05 24.73 -8.03
CA LYS B 137 -17.83 23.93 -8.97
C LYS B 137 -17.65 22.46 -8.65
N CYS B 138 -16.42 22.08 -8.33
CA CYS B 138 -16.13 20.71 -7.95
C CYS B 138 -16.77 20.35 -6.64
N VAL B 139 -16.66 21.24 -5.66
CA VAL B 139 -17.12 20.91 -4.32
C VAL B 139 -18.61 20.68 -4.36
N LYS B 140 -19.33 21.50 -5.11
CA LYS B 140 -20.78 21.37 -5.15
C LYS B 140 -21.24 20.29 -6.13
N ASP B 141 -20.32 19.48 -6.62
CA ASP B 141 -20.68 18.42 -7.55
C ASP B 141 -20.84 17.11 -6.81
N GLN B 142 -21.93 16.39 -7.09
CA GLN B 142 -22.13 15.06 -6.52
C GLN B 142 -20.98 14.11 -6.83
N ASN B 143 -20.35 14.29 -7.99
CA ASN B 143 -19.15 13.53 -8.32
C ASN B 143 -17.90 14.26 -7.83
N GLY B 144 -17.81 15.54 -8.18
CA GLY B 144 -16.64 16.34 -7.90
C GLY B 144 -16.24 16.38 -6.45
N ASN B 145 -17.21 16.34 -5.54
CA ASN B 145 -16.91 16.51 -4.13
C ASN B 145 -16.03 15.40 -3.56
N HIS B 146 -16.35 14.16 -3.89
CA HIS B 146 -15.55 13.03 -3.42
C HIS B 146 -14.11 13.21 -3.88
N VAL B 147 -13.92 13.73 -5.09
CA VAL B 147 -12.58 13.94 -5.61
C VAL B 147 -11.85 14.92 -4.70
N VAL B 148 -12.50 16.06 -4.48
CA VAL B 148 -11.94 17.07 -3.59
C VAL B 148 -11.59 16.48 -2.22
N GLN B 149 -12.51 15.73 -1.63
CA GLN B 149 -12.25 15.12 -0.34
C GLN B 149 -11.02 14.27 -0.45
N LYS B 150 -10.85 13.68 -1.64
CA LYS B 150 -9.76 12.76 -1.90
C LYS B 150 -8.43 13.49 -1.91
N CYS B 151 -8.40 14.68 -2.50
CA CYS B 151 -7.17 15.47 -2.51
C CYS B 151 -6.75 15.81 -1.09
N ILE B 152 -7.65 16.46 -0.37
CA ILE B 152 -7.39 16.91 1.00
C ILE B 152 -6.77 15.84 1.89
N GLU B 153 -7.13 14.59 1.66
CA GLU B 153 -6.63 13.49 2.49
C GLU B 153 -5.30 12.89 2.00
N CYS B 154 -5.07 12.89 0.69
CA CYS B 154 -3.91 12.21 0.11
C CYS B 154 -2.80 13.16 -0.29
N VAL B 155 -3.18 14.36 -0.72
CA VAL B 155 -2.23 15.33 -1.24
C VAL B 155 -1.59 16.22 -0.15
N GLN B 156 -0.37 16.68 -0.41
CA GLN B 156 0.31 17.63 0.45
C GLN B 156 -0.54 18.87 0.67
N PRO B 157 -0.79 19.22 1.95
CA PRO B 157 -1.63 20.35 2.35
C PRO B 157 -1.19 21.68 1.75
N GLN B 158 0.08 21.81 1.37
CA GLN B 158 0.58 23.06 0.81
C GLN B 158 0.29 23.17 -0.69
N SER B 159 0.04 22.02 -1.32
CA SER B 159 -0.45 22.01 -2.70
C SER B 159 -1.93 22.32 -2.68
N LEU B 160 -2.44 22.65 -1.50
CA LEU B 160 -3.88 22.82 -1.32
C LEU B 160 -4.31 24.26 -1.07
N GLN B 161 -3.36 25.18 -0.92
CA GLN B 161 -3.69 26.55 -0.53
C GLN B 161 -4.79 27.14 -1.38
N PHE B 162 -4.65 27.00 -2.70
CA PHE B 162 -5.64 27.50 -3.64
C PHE B 162 -7.07 27.07 -3.28
N ILE B 163 -7.19 25.92 -2.63
CA ILE B 163 -8.50 25.49 -2.12
C ILE B 163 -8.97 26.41 -1.01
N ILE B 164 -8.22 26.44 0.09
CA ILE B 164 -8.49 27.40 1.15
C ILE B 164 -8.84 28.72 0.51
N ASP B 165 -7.97 29.18 -0.39
CA ASP B 165 -8.12 30.50 -0.97
C ASP B 165 -9.51 30.74 -1.51
N ALA B 166 -10.10 29.72 -2.13
CA ALA B 166 -11.43 29.87 -2.72
C ALA B 166 -12.55 29.74 -1.69
N PHE B 167 -12.23 29.19 -0.53
CA PHE B 167 -13.23 28.97 0.51
C PHE B 167 -13.49 30.22 1.35
N LYS B 168 -12.56 31.17 1.31
CA LYS B 168 -12.72 32.45 1.98
C LYS B 168 -14.04 33.09 1.58
N GLY B 169 -14.77 33.60 2.57
CA GLY B 169 -16.05 34.25 2.32
C GLY B 169 -17.15 33.26 1.94
N GLN B 170 -16.80 31.98 1.98
CA GLN B 170 -17.74 30.94 1.60
C GLN B 170 -17.99 29.95 2.73
N VAL B 171 -17.01 29.78 3.59
CA VAL B 171 -17.10 28.73 4.61
C VAL B 171 -18.52 28.48 5.05
N PHE B 172 -19.27 29.56 5.33
CA PHE B 172 -20.63 29.42 5.81
C PHE B 172 -21.58 28.80 4.77
N ALA B 173 -21.55 29.35 3.56
CA ALA B 173 -22.38 28.83 2.46
C ALA B 173 -22.10 27.35 2.25
N LEU B 174 -20.83 26.96 2.37
CA LEU B 174 -20.41 25.59 2.06
C LEU B 174 -20.72 24.62 3.19
N SER B 175 -20.65 25.10 4.42
CA SER B 175 -20.92 24.27 5.57
C SER B 175 -22.42 23.97 5.66
N THR B 176 -23.22 24.74 4.93
CA THR B 176 -24.66 24.51 4.87
C THR B 176 -25.03 23.77 3.59
N HIS B 177 -24.01 23.39 2.82
CA HIS B 177 -24.21 22.60 1.62
C HIS B 177 -24.02 21.13 1.95
N PRO B 178 -24.81 20.25 1.32
CA PRO B 178 -24.72 18.81 1.60
C PRO B 178 -23.39 18.20 1.16
N TYR B 179 -22.84 18.66 0.05
CA TYR B 179 -21.51 18.22 -0.40
C TYR B 179 -20.42 19.12 0.17
N GLY B 180 -20.71 20.40 0.28
CA GLY B 180 -19.75 21.37 0.78
C GLY B 180 -19.31 21.10 2.21
N CYS B 181 -20.25 20.75 3.06
CA CYS B 181 -19.93 20.43 4.44
C CYS B 181 -19.02 19.20 4.54
N ARG B 182 -19.08 18.34 3.53
CA ARG B 182 -18.21 17.17 3.49
C ARG B 182 -16.76 17.60 3.25
N VAL B 183 -16.57 18.63 2.43
CA VAL B 183 -15.23 19.08 2.13
C VAL B 183 -14.61 19.87 3.27
N ILE B 184 -15.42 20.76 3.86
CA ILE B 184 -15.00 21.51 5.03
C ILE B 184 -14.44 20.56 6.07
N GLN B 185 -15.21 19.53 6.39
CA GLN B 185 -14.85 18.57 7.43
C GLN B 185 -13.52 17.89 7.16
N ARG B 186 -13.34 17.40 5.94
CA ARG B 186 -12.07 16.80 5.60
C ARG B 186 -10.96 17.80 5.90
N ILE B 187 -11.12 19.00 5.37
CA ILE B 187 -10.16 20.08 5.56
C ILE B 187 -9.75 20.28 7.02
N LEU B 188 -10.72 20.21 7.94
CA LEU B 188 -10.40 20.33 9.36
C LEU B 188 -9.48 19.20 9.86
N GLU B 189 -9.48 18.08 9.16
CA GLU B 189 -8.69 16.93 9.61
C GLU B 189 -7.29 16.87 9.00
N HIS B 190 -7.12 17.39 7.80
CA HIS B 190 -5.84 17.17 7.11
C HIS B 190 -5.03 18.43 6.87
N CYS B 191 -5.67 19.59 6.98
CA CYS B 191 -5.02 20.84 6.61
C CYS B 191 -4.21 21.51 7.72
N LEU B 192 -3.30 22.40 7.31
CA LEU B 192 -2.39 23.08 8.23
C LEU B 192 -3.07 24.23 8.96
N PRO B 193 -2.58 24.55 10.18
CA PRO B 193 -3.17 25.60 11.02
C PRO B 193 -3.12 26.91 10.26
N ASP B 194 -2.12 27.03 9.38
CA ASP B 194 -2.02 28.18 8.50
C ASP B 194 -3.22 28.21 7.56
N GLN B 195 -3.97 27.12 7.51
CA GLN B 195 -5.15 27.04 6.66
C GLN B 195 -6.42 26.87 7.45
N THR B 196 -6.36 26.18 8.58
CA THR B 196 -7.56 25.89 9.35
C THR B 196 -7.92 27.02 10.32
N LEU B 197 -7.03 28.00 10.40
CA LEU B 197 -7.25 29.17 11.24
C LEU B 197 -8.38 30.03 10.68
N PRO B 198 -8.30 30.31 9.38
CA PRO B 198 -9.36 31.09 8.71
C PRO B 198 -10.70 30.36 8.64
N ILE B 199 -10.69 29.03 8.66
CA ILE B 199 -11.94 28.29 8.57
C ILE B 199 -12.66 28.26 9.91
N LEU B 200 -11.95 27.89 10.96
CA LEU B 200 -12.54 27.90 12.28
C LEU B 200 -12.99 29.31 12.63
N GLU B 201 -12.29 30.31 12.10
CA GLU B 201 -12.70 31.67 12.34
C GLU B 201 -14.07 31.95 11.69
N GLU B 202 -14.22 31.63 10.41
CA GLU B 202 -15.49 31.87 9.74
C GLU B 202 -16.60 31.14 10.47
N LEU B 203 -16.27 29.97 11.00
CA LEU B 203 -17.25 29.09 11.64
C LEU B 203 -17.80 29.64 12.94
N HIS B 204 -16.92 30.14 13.80
CA HIS B 204 -17.36 30.66 15.09
C HIS B 204 -18.33 31.82 14.88
N GLN B 205 -17.95 32.72 13.98
CA GLN B 205 -18.76 33.89 13.66
C GLN B 205 -20.12 33.52 13.05
N HIS B 206 -20.42 32.22 13.00
CA HIS B 206 -21.66 31.72 12.41
C HIS B 206 -22.28 30.62 13.26
N THR B 207 -21.60 30.28 14.35
CA THR B 207 -22.04 29.20 15.25
C THR B 207 -23.56 29.12 15.38
N GLU B 208 -24.17 30.26 15.72
CA GLU B 208 -25.60 30.33 16.01
C GLU B 208 -26.45 29.87 14.82
N GLN B 209 -25.96 30.15 13.61
CA GLN B 209 -26.66 29.72 12.41
C GLN B 209 -26.40 28.25 12.10
N LEU B 210 -25.13 27.85 12.14
CA LEU B 210 -24.76 26.49 11.84
C LEU B 210 -25.46 25.50 12.75
N VAL B 211 -25.54 25.83 14.04
CA VAL B 211 -26.08 24.90 15.02
C VAL B 211 -27.53 24.54 14.74
N GLN B 212 -28.16 25.27 13.83
CA GLN B 212 -29.55 24.98 13.52
C GLN B 212 -29.70 24.56 12.07
N ASP B 213 -28.57 24.42 11.39
CA ASP B 213 -28.60 23.96 10.02
C ASP B 213 -28.55 22.45 9.89
N GLN B 214 -29.36 21.93 8.97
CA GLN B 214 -29.32 20.51 8.61
C GLN B 214 -27.90 19.99 8.49
N TYR B 215 -27.06 20.71 7.75
CA TYR B 215 -25.68 20.28 7.50
C TYR B 215 -24.69 21.06 8.37
N GLY B 216 -25.04 22.29 8.74
CA GLY B 216 -24.15 23.12 9.52
C GLY B 216 -23.77 22.45 10.83
N SER B 217 -24.74 21.80 11.47
CA SER B 217 -24.51 21.13 12.74
C SER B 217 -23.41 20.07 12.61
N TYR B 218 -23.40 19.37 11.48
CA TYR B 218 -22.41 18.33 11.24
C TYR B 218 -21.01 18.87 11.42
N VAL B 219 -20.75 19.99 10.77
CA VAL B 219 -19.46 20.63 10.90
C VAL B 219 -19.19 20.92 12.37
N ILE B 220 -20.20 21.46 13.06
CA ILE B 220 -20.07 21.86 14.45
C ILE B 220 -19.71 20.67 15.29
N ARG B 221 -20.52 19.62 15.20
CA ARG B 221 -20.28 18.39 15.95
C ARG B 221 -18.87 17.86 15.69
N HIS B 222 -18.38 18.05 14.47
CA HIS B 222 -17.04 17.60 14.11
C HIS B 222 -15.97 18.27 14.98
N VAL B 223 -16.20 19.52 15.31
CA VAL B 223 -15.24 20.29 16.08
C VAL B 223 -15.36 19.93 17.55
N LEU B 224 -16.60 19.73 17.98
CA LEU B 224 -16.86 19.29 19.34
C LEU B 224 -16.28 17.91 19.57
N GLU B 225 -15.94 17.22 18.48
CA GLU B 225 -15.52 15.83 18.62
C GLU B 225 -14.08 15.57 18.22
N HIS B 226 -13.41 16.59 17.69
CA HIS B 226 -12.08 16.37 17.13
C HIS B 226 -11.21 17.64 17.18
N GLY B 227 -11.86 18.76 17.45
CA GLY B 227 -11.19 20.06 17.42
C GLY B 227 -10.36 20.37 18.66
N ARG B 228 -9.72 21.53 18.65
CA ARG B 228 -8.93 22.00 19.79
C ARG B 228 -9.83 22.46 20.94
N PRO B 229 -9.43 22.17 22.18
CA PRO B 229 -10.22 22.43 23.41
C PRO B 229 -10.71 23.87 23.49
N GLU B 230 -9.89 24.80 23.01
CA GLU B 230 -10.26 26.21 23.00
C GLU B 230 -11.36 26.48 21.99
N ASP B 231 -11.28 25.80 20.85
CA ASP B 231 -12.30 25.95 19.80
C ASP B 231 -13.59 25.28 20.24
N LYS B 232 -13.49 24.26 21.06
CA LYS B 232 -14.69 23.68 21.64
C LYS B 232 -15.36 24.70 22.57
N SER B 233 -14.63 25.11 23.60
CA SER B 233 -15.12 26.09 24.56
C SER B 233 -15.82 27.28 23.90
N LYS B 234 -15.21 27.81 22.86
CA LYS B 234 -15.86 28.87 22.09
C LYS B 234 -17.29 28.44 21.73
N ILE B 235 -17.43 27.30 21.08
CA ILE B 235 -18.76 26.77 20.78
C ILE B 235 -19.58 26.66 22.07
N VAL B 236 -18.97 26.08 23.11
CA VAL B 236 -19.66 25.83 24.36
C VAL B 236 -20.20 27.14 24.96
N ALA B 237 -19.53 28.23 24.65
CA ALA B 237 -19.90 29.53 25.19
C ALA B 237 -21.21 29.99 24.58
N GLU B 238 -21.40 29.66 23.30
CA GLU B 238 -22.59 30.09 22.57
C GLU B 238 -23.85 29.32 22.96
N ILE B 239 -23.68 28.05 23.28
CA ILE B 239 -24.82 27.22 23.67
C ILE B 239 -25.37 27.60 25.03
N ARG B 240 -24.50 28.09 25.92
CA ARG B 240 -24.94 28.47 27.27
C ARG B 240 -25.98 29.57 27.24
N GLY B 241 -26.98 29.47 28.11
CA GLY B 241 -28.05 30.44 28.17
C GLY B 241 -29.16 30.12 27.20
N ASN B 242 -28.89 29.20 26.28
CA ASN B 242 -29.82 28.92 25.21
C ASN B 242 -30.04 27.45 25.05
N VAL B 243 -29.79 26.72 26.13
CA VAL B 243 -29.89 25.27 26.12
C VAL B 243 -31.33 24.76 25.90
N LEU B 244 -32.28 25.33 26.63
CA LEU B 244 -33.67 24.88 26.54
C LEU B 244 -34.23 24.99 25.12
N VAL B 245 -33.92 26.09 24.45
CA VAL B 245 -34.45 26.35 23.12
C VAL B 245 -33.79 25.50 22.04
N LEU B 246 -32.48 25.33 22.15
CA LEU B 246 -31.74 24.58 21.14
C LEU B 246 -32.04 23.10 21.26
N SER B 247 -32.63 22.70 22.38
CA SER B 247 -32.83 21.29 22.65
C SER B 247 -34.09 20.74 22.03
N GLN B 248 -35.06 21.61 21.80
CA GLN B 248 -36.31 21.16 21.20
C GLN B 248 -36.23 21.37 19.71
N HIS B 249 -35.06 21.81 19.27
CA HIS B 249 -34.82 22.02 17.87
C HIS B 249 -34.29 20.72 17.26
N LYS B 250 -34.54 20.50 15.97
CA LYS B 250 -34.15 19.21 15.39
C LYS B 250 -32.65 19.02 15.31
N PHE B 251 -31.95 20.02 14.78
CA PHE B 251 -30.51 19.89 14.57
C PHE B 251 -29.64 20.42 15.71
N ALA B 252 -30.05 21.52 16.34
CA ALA B 252 -29.29 22.01 17.47
C ALA B 252 -29.38 21.03 18.63
N SER B 253 -30.50 20.33 18.70
CA SER B 253 -30.64 19.26 19.66
C SER B 253 -29.35 18.44 19.71
N ASN B 254 -29.02 17.81 18.57
CA ASN B 254 -27.83 16.98 18.44
C ASN B 254 -26.54 17.67 18.88
N VAL B 255 -26.37 18.92 18.49
CA VAL B 255 -25.18 19.68 18.84
C VAL B 255 -25.08 19.87 20.34
N VAL B 256 -26.23 20.11 20.96
CA VAL B 256 -26.26 20.31 22.40
C VAL B 256 -25.76 19.07 23.12
N GLU B 257 -26.09 17.90 22.57
CA GLU B 257 -25.66 16.66 23.20
C GLU B 257 -24.15 16.55 23.14
N LYS B 258 -23.55 17.12 22.10
CA LYS B 258 -22.13 16.96 21.90
C LYS B 258 -21.38 17.90 22.80
N CYS B 259 -21.87 19.13 22.92
CA CYS B 259 -21.36 20.07 23.90
C CYS B 259 -21.30 19.37 25.24
N VAL B 260 -22.40 18.71 25.58
CA VAL B 260 -22.45 17.85 26.75
C VAL B 260 -21.32 16.86 26.65
N THR B 261 -21.49 15.87 25.77
CA THR B 261 -20.59 14.73 25.68
C THR B 261 -19.12 15.10 25.70
N HIS B 262 -18.79 16.27 25.19
CA HIS B 262 -17.39 16.60 24.95
C HIS B 262 -16.85 17.81 25.68
N ALA B 263 -17.69 18.46 26.47
CA ALA B 263 -17.23 19.65 27.18
C ALA B 263 -16.34 19.25 28.36
N SER B 264 -15.56 20.20 28.86
CA SER B 264 -14.80 19.95 30.06
C SER B 264 -15.75 19.54 31.17
N ARG B 265 -15.25 18.80 32.16
CA ARG B 265 -16.04 18.43 33.32
C ARG B 265 -16.81 19.65 33.85
N THR B 266 -16.15 20.82 33.81
CA THR B 266 -16.69 22.07 34.35
C THR B 266 -17.79 22.65 33.48
N GLU B 267 -17.55 22.72 32.18
CA GLU B 267 -18.56 23.16 31.24
C GLU B 267 -19.78 22.25 31.36
N ARG B 268 -19.52 20.96 31.48
CA ARG B 268 -20.58 19.96 31.57
C ARG B 268 -21.38 20.13 32.84
N ALA B 269 -20.77 20.73 33.86
CA ALA B 269 -21.48 21.04 35.10
C ALA B 269 -22.33 22.28 34.90
N VAL B 270 -21.78 23.25 34.18
CA VAL B 270 -22.45 24.53 33.94
C VAL B 270 -23.65 24.40 33.00
N LEU B 271 -23.60 23.44 32.09
CA LEU B 271 -24.71 23.21 31.18
C LEU B 271 -25.80 22.40 31.86
N ILE B 272 -25.41 21.40 32.65
CA ILE B 272 -26.38 20.58 33.34
C ILE B 272 -27.12 21.40 34.37
N ASP B 273 -26.40 22.31 35.02
CA ASP B 273 -27.02 23.19 35.97
C ASP B 273 -28.05 24.04 35.24
N GLU B 274 -27.66 24.58 34.09
CA GLU B 274 -28.51 25.46 33.28
C GLU B 274 -29.97 25.00 33.19
N VAL B 275 -30.20 23.71 32.98
CA VAL B 275 -31.55 23.20 32.78
C VAL B 275 -32.28 22.96 34.08
N CYS B 276 -31.53 22.94 35.18
CA CYS B 276 -32.08 22.70 36.50
C CYS B 276 -32.38 24.01 37.23
N THR B 277 -31.43 24.93 37.17
CA THR B 277 -31.57 26.23 37.83
C THR B 277 -32.51 27.18 37.09
N MET B 278 -32.14 27.52 35.86
CA MET B 278 -32.94 28.42 35.02
C MET B 278 -34.36 27.89 34.84
N ASN B 279 -35.25 28.76 34.39
CA ASN B 279 -36.68 28.46 34.45
C ASN B 279 -37.52 28.66 33.20
N ASP B 280 -38.60 27.89 33.13
CA ASP B 280 -39.57 27.98 32.04
C ASP B 280 -40.99 28.03 32.62
N GLY B 281 -41.44 29.24 32.95
CA GLY B 281 -42.76 29.44 33.53
C GLY B 281 -42.96 28.68 34.83
N PRO B 282 -44.00 27.83 34.86
CA PRO B 282 -44.37 27.03 36.03
C PRO B 282 -43.20 26.22 36.58
N HIS B 283 -42.71 25.28 35.79
CA HIS B 283 -41.64 24.39 36.22
C HIS B 283 -40.32 24.77 35.56
N SER B 284 -39.28 24.00 35.86
CA SER B 284 -37.97 24.28 35.30
C SER B 284 -37.93 23.84 33.83
N ALA B 285 -36.86 24.21 33.14
CA ALA B 285 -36.68 23.83 31.75
C ALA B 285 -36.75 22.31 31.59
N LEU B 286 -36.21 21.61 32.58
CA LEU B 286 -36.20 20.16 32.58
C LEU B 286 -37.60 19.60 32.34
N TYR B 287 -38.56 20.08 33.12
CA TYR B 287 -39.95 19.64 32.97
C TYR B 287 -40.37 19.72 31.51
N THR B 288 -39.92 20.78 30.85
CA THR B 288 -40.29 21.05 29.48
C THR B 288 -39.54 20.11 28.52
N MET B 289 -38.26 19.87 28.80
CA MET B 289 -37.42 19.08 27.91
C MET B 289 -37.74 17.59 27.99
N MET B 290 -38.04 17.13 29.19
CA MET B 290 -38.24 15.71 29.41
C MET B 290 -39.39 15.13 28.59
N LYS B 291 -40.23 16.01 28.07
CA LYS B 291 -41.42 15.58 27.32
C LYS B 291 -41.35 15.96 25.85
N ASP B 292 -40.31 16.69 25.47
CA ASP B 292 -40.17 17.11 24.08
C ASP B 292 -39.68 15.95 23.23
N GLN B 293 -39.84 16.09 21.92
CA GLN B 293 -39.46 15.04 20.99
C GLN B 293 -37.99 15.08 20.66
N TYR B 294 -37.34 16.19 20.98
CA TYR B 294 -35.90 16.30 20.77
C TYR B 294 -35.16 16.40 22.10
N ALA B 295 -35.59 17.35 22.94
CA ALA B 295 -34.91 17.66 24.19
C ALA B 295 -34.84 16.49 25.18
N ASN B 296 -35.77 15.55 25.04
CA ASN B 296 -35.78 14.35 25.86
C ASN B 296 -34.51 13.54 25.67
N TYR B 297 -33.89 13.70 24.50
CA TYR B 297 -32.65 13.00 24.20
C TYR B 297 -31.53 13.66 24.97
N VAL B 298 -31.57 15.00 25.00
CA VAL B 298 -30.57 15.79 25.71
C VAL B 298 -30.60 15.50 27.20
N VAL B 299 -31.80 15.41 27.76
CA VAL B 299 -31.88 15.05 29.15
C VAL B 299 -31.11 13.75 29.30
N GLN B 300 -31.50 12.75 28.50
CA GLN B 300 -30.88 11.43 28.59
C GLN B 300 -29.37 11.51 28.57
N LYS B 301 -28.84 12.14 27.52
CA LYS B 301 -27.39 12.26 27.40
C LYS B 301 -26.86 12.90 28.68
N MET B 302 -27.60 13.89 29.17
CA MET B 302 -27.14 14.62 30.35
C MET B 302 -26.99 13.71 31.55
N ILE B 303 -28.02 12.94 31.84
CA ILE B 303 -28.00 12.01 32.96
C ILE B 303 -26.79 11.08 32.84
N ASP B 304 -26.47 10.70 31.61
CA ASP B 304 -25.44 9.70 31.38
C ASP B 304 -24.04 10.18 31.72
N VAL B 305 -23.74 11.43 31.37
CA VAL B 305 -22.43 12.01 31.64
C VAL B 305 -22.32 12.63 33.05
N ALA B 306 -23.43 13.13 33.56
CA ALA B 306 -23.45 13.79 34.86
C ALA B 306 -22.58 13.07 35.88
N GLU B 307 -21.90 13.85 36.72
CA GLU B 307 -21.18 13.28 37.86
C GLU B 307 -22.22 12.80 38.87
N PRO B 308 -21.92 11.72 39.60
CA PRO B 308 -22.87 11.20 40.58
C PRO B 308 -23.51 12.32 41.37
N GLY B 309 -22.70 13.31 41.74
CA GLY B 309 -23.19 14.47 42.47
C GLY B 309 -24.30 15.19 41.74
N GLN B 310 -24.06 15.54 40.49
CA GLN B 310 -25.06 16.29 39.75
C GLN B 310 -26.18 15.40 39.24
N ARG B 311 -25.89 14.11 39.10
CA ARG B 311 -26.91 13.18 38.67
C ARG B 311 -28.08 13.21 39.65
N LYS B 312 -27.76 13.27 40.94
CA LYS B 312 -28.79 13.20 41.97
C LYS B 312 -29.85 14.30 41.84
N ILE B 313 -29.41 15.55 41.75
CA ILE B 313 -30.33 16.68 41.64
C ILE B 313 -31.22 16.50 40.42
N VAL B 314 -30.59 16.53 39.24
CA VAL B 314 -31.28 16.31 37.99
C VAL B 314 -32.35 15.24 38.16
N MET B 315 -31.99 14.18 38.88
CA MET B 315 -32.95 13.14 39.17
C MET B 315 -34.00 13.66 40.16
N HIS B 316 -33.52 14.21 41.27
CA HIS B 316 -34.38 14.82 42.29
C HIS B 316 -35.38 15.79 41.65
N LYS B 317 -34.88 16.64 40.77
CA LYS B 317 -35.70 17.60 40.05
C LYS B 317 -36.76 16.91 39.18
N ILE B 318 -36.41 15.75 38.64
CA ILE B 318 -37.30 15.04 37.73
C ILE B 318 -38.35 14.27 38.47
N ARG B 319 -37.92 13.53 39.50
CA ARG B 319 -38.82 12.67 40.25
C ARG B 319 -40.20 13.26 40.50
N PRO B 320 -40.27 14.54 40.88
CA PRO B 320 -41.56 15.10 41.31
C PRO B 320 -42.65 15.08 40.23
N HIS B 321 -42.29 14.67 39.01
CA HIS B 321 -43.23 14.75 37.90
C HIS B 321 -43.44 13.44 37.17
N ILE B 322 -43.20 12.34 37.85
CA ILE B 322 -43.48 11.02 37.28
C ILE B 322 -44.92 10.94 36.78
N ALA B 323 -45.78 11.82 37.30
CA ALA B 323 -47.18 11.85 36.89
C ALA B 323 -47.35 12.24 35.42
N THR B 324 -46.61 13.24 34.97
CA THR B 324 -46.72 13.69 33.59
C THR B 324 -45.98 12.78 32.61
N LEU B 325 -44.69 12.55 32.88
CA LEU B 325 -43.88 11.70 32.01
C LEU B 325 -44.56 10.38 31.67
N ARG B 326 -45.36 9.87 32.61
CA ARG B 326 -46.12 8.67 32.32
C ARG B 326 -46.94 8.90 31.06
N LYS B 327 -47.61 10.04 31.01
CA LYS B 327 -48.48 10.41 29.89
C LYS B 327 -47.72 11.01 28.70
N TYR B 328 -46.46 10.65 28.53
CA TYR B 328 -45.71 11.20 27.40
C TYR B 328 -44.78 10.21 26.76
N THR B 329 -44.94 10.05 25.45
CA THR B 329 -44.20 9.06 24.68
C THR B 329 -42.74 9.45 24.54
N TYR B 330 -42.49 10.71 24.22
CA TYR B 330 -41.13 11.17 24.04
C TYR B 330 -40.39 11.20 25.38
N GLY B 331 -40.99 10.61 26.40
CA GLY B 331 -40.41 10.64 27.73
C GLY B 331 -40.43 9.31 28.46
N LYS B 332 -40.81 8.24 27.75
CA LYS B 332 -40.90 6.93 28.38
C LYS B 332 -39.55 6.32 28.70
N HIS B 333 -38.51 6.79 28.03
CA HIS B 333 -37.15 6.35 28.32
C HIS B 333 -36.61 7.10 29.52
N ILE B 334 -36.90 8.40 29.57
CA ILE B 334 -36.50 9.21 30.71
C ILE B 334 -37.07 8.63 31.99
N LEU B 335 -38.23 8.02 31.88
CA LEU B 335 -38.87 7.32 33.00
C LEU B 335 -38.01 6.15 33.48
N ALA B 336 -37.88 5.12 32.65
CA ALA B 336 -37.10 3.94 33.01
C ALA B 336 -35.71 4.32 33.52
N LYS B 337 -35.16 5.38 32.96
CA LYS B 337 -33.82 5.83 33.34
C LYS B 337 -33.71 5.99 34.86
N LEU B 338 -34.84 6.24 35.52
CA LEU B 338 -34.84 6.30 36.97
C LEU B 338 -34.46 4.94 37.59
N GLU B 339 -34.64 3.86 36.83
CA GLU B 339 -34.11 2.53 37.22
C GLU B 339 -32.66 2.68 37.60
N LYS B 340 -31.87 3.16 36.65
CA LYS B 340 -30.44 3.34 36.88
C LYS B 340 -30.21 3.98 38.24
N TYR B 341 -31.29 4.60 38.71
CA TYR B 341 -31.32 5.40 39.92
C TYR B 341 -32.63 5.17 40.63
N TYR B 342 -32.95 3.95 40.99
CA TYR B 342 -34.21 3.70 41.69
C TYR B 342 -34.01 3.54 43.20
#